data_8T8D
#
_entry.id   8T8D
#
_cell.length_a   82.540
_cell.length_b   59.810
_cell.length_c   94.030
_cell.angle_alpha   90.00
_cell.angle_beta   100.85
_cell.angle_gamma   90.00
#
_symmetry.space_group_name_H-M   'P 1 21 1'
#
loop_
_entity.id
_entity.type
_entity.pdbx_description
1 polymer 'Neuraminyllactose-binding hemagglutinin'
2 non-polymer 'ACETATE ION'
3 non-polymer GLYCEROL
4 water water
#
_entity_poly.entity_id   1
_entity_poly.type   'polypeptide(L)'
_entity_poly.pdbx_seq_one_letter_code
;MALDEKILLLRPAFQYSDNIAKEYENKFKNQTALKVEQILQNQGYKVISVDSSDKDDLSFSQKKEGYLAVAMNGEIVLRP
DPKRTIQKKSEPGLLFSTGLDKMEGVLIPAGFVKVTILEPMSGESLDSFTMDLSELDIQEKFLKTTHSSHSGGLVSTMVK
GTDNSNDAIKSALNKIFANIMQEIDKKLTQKNLESYQKDAKELKGKRNRHHHHHH
;
_entity_poly.pdbx_strand_id   A,B,C,D
#
# COMPACT_ATOMS: atom_id res chain seq x y z
N ALA A 2 52.54 23.73 -14.87
CA ALA A 2 51.92 22.40 -14.97
C ALA A 2 50.91 22.36 -16.12
N LEU A 3 49.63 22.20 -15.80
CA LEU A 3 48.58 22.14 -16.81
C LEU A 3 47.99 23.53 -17.01
N ASP A 4 47.99 24.01 -18.26
CA ASP A 4 47.35 25.27 -18.59
C ASP A 4 45.90 25.08 -19.01
N GLU A 5 45.24 24.02 -18.53
CA GLU A 5 43.90 23.69 -18.98
C GLU A 5 42.84 24.17 -18.00
N LYS A 6 41.77 24.73 -18.56
CA LYS A 6 40.67 25.27 -17.79
C LYS A 6 39.51 24.28 -17.74
N ILE A 7 38.86 24.19 -16.58
CA ILE A 7 37.65 23.40 -16.43
C ILE A 7 36.52 24.35 -16.10
N LEU A 8 35.41 24.22 -16.81
CA LEU A 8 34.23 25.03 -16.54
C LEU A 8 33.36 24.29 -15.55
N LEU A 9 33.24 24.83 -14.34
CA LEU A 9 32.41 24.26 -13.30
C LEU A 9 31.06 24.98 -13.32
N LEU A 10 30.00 24.23 -13.56
CA LEU A 10 28.65 24.77 -13.58
C LEU A 10 28.07 24.74 -12.17
N ARG A 11 27.13 25.65 -11.93
CA ARG A 11 26.44 25.67 -10.66
C ARG A 11 25.64 24.37 -10.49
N PRO A 12 25.67 23.75 -9.32
CA PRO A 12 24.79 22.59 -9.08
C PRO A 12 23.32 22.95 -9.20
N ALA A 13 22.57 22.07 -9.86
CA ALA A 13 21.11 22.17 -9.96
C ALA A 13 20.43 21.11 -9.10
N PHE A 14 20.05 21.48 -7.88
CA PHE A 14 19.47 20.56 -6.94
C PHE A 14 18.03 20.91 -6.61
N GLN A 15 17.16 19.92 -6.66
CA GLN A 15 15.81 20.01 -6.12
C GLN A 15 15.78 19.16 -4.87
N TYR A 16 14.98 19.56 -3.88
CA TYR A 16 14.89 18.82 -2.64
C TYR A 16 13.42 18.55 -2.30
N SER A 17 13.23 17.70 -1.30
CA SER A 17 11.92 17.53 -0.69
C SER A 17 11.57 18.76 0.13
N ASP A 18 10.27 19.00 0.30
CA ASP A 18 9.80 20.26 0.87
C ASP A 18 10.22 20.45 2.32
N ASN A 19 10.54 19.37 3.03
CA ASN A 19 10.90 19.46 4.43
C ASN A 19 12.30 19.98 4.69
N ILE A 20 13.08 20.26 3.66
CA ILE A 20 14.46 20.71 3.81
C ILE A 20 14.49 22.22 3.65
N ALA A 21 14.95 22.90 4.69
CA ALA A 21 14.92 24.35 4.72
C ALA A 21 15.68 24.96 3.55
N LYS A 22 15.21 26.14 3.12
CA LYS A 22 15.92 26.89 2.09
C LYS A 22 17.35 27.15 2.50
N GLU A 23 17.57 27.55 3.75
CA GLU A 23 18.93 27.76 4.25
C GLU A 23 19.78 26.51 4.04
N TYR A 24 19.21 25.35 4.34
CA TYR A 24 19.95 24.10 4.17
C TYR A 24 20.23 23.84 2.70
N GLU A 25 19.23 24.02 1.85
CA GLU A 25 19.46 23.84 0.42
C GLU A 25 20.60 24.73 -0.07
N ASN A 26 20.57 26.02 0.31
CA ASN A 26 21.57 26.94 -0.19
C ASN A 26 22.96 26.57 0.30
N LYS A 27 23.09 26.22 1.58
CA LYS A 27 24.40 25.83 2.08
C LYS A 27 24.89 24.58 1.37
N PHE A 28 23.98 23.63 1.10
CA PHE A 28 24.33 22.42 0.37
C PHE A 28 24.88 22.76 -1.01
N LYS A 29 24.14 23.58 -1.76
CA LYS A 29 24.59 23.97 -3.10
C LYS A 29 25.97 24.62 -3.02
N ASN A 30 26.12 25.59 -2.13
CA ASN A 30 27.34 26.38 -2.11
C ASN A 30 28.53 25.51 -1.75
N GLN A 31 28.38 24.65 -0.75
CA GLN A 31 29.49 23.80 -0.35
C GLN A 31 29.80 22.75 -1.39
N THR A 32 28.79 22.22 -2.08
CA THR A 32 29.04 21.33 -3.20
C THR A 32 29.95 22.00 -4.22
N ALA A 33 29.55 23.19 -4.68
CA ALA A 33 30.34 23.88 -5.69
C ALA A 33 31.77 24.12 -5.20
N LEU A 34 31.92 24.57 -3.95
CA LEU A 34 33.26 24.91 -3.48
C LEU A 34 34.13 23.68 -3.33
N LYS A 35 33.56 22.56 -2.88
CA LYS A 35 34.39 21.38 -2.67
C LYS A 35 34.79 20.77 -4.00
N VAL A 36 33.89 20.78 -4.97
CA VAL A 36 34.29 20.31 -6.30
C VAL A 36 35.40 21.21 -6.84
N GLU A 37 35.27 22.52 -6.63
CA GLU A 37 36.33 23.44 -7.02
C GLU A 37 37.65 23.01 -6.38
N GLN A 38 37.62 22.71 -5.09
CA GLN A 38 38.85 22.32 -4.40
C GLN A 38 39.44 21.06 -5.03
N ILE A 39 38.58 20.07 -5.30
CA ILE A 39 39.06 18.82 -5.87
C ILE A 39 39.77 19.09 -7.19
N LEU A 40 39.11 19.83 -8.08
CA LEU A 40 39.67 20.08 -9.40
C LEU A 40 40.96 20.88 -9.32
N GLN A 41 41.03 21.85 -8.40
CA GLN A 41 42.29 22.58 -8.23
C GLN A 41 43.37 21.66 -7.69
N ASN A 42 43.01 20.71 -6.83
CA ASN A 42 44.00 19.80 -6.28
C ASN A 42 44.55 18.87 -7.34
N GLN A 43 43.73 18.52 -8.34
CA GLN A 43 44.20 17.73 -9.47
C GLN A 43 44.94 18.53 -10.53
N GLY A 44 45.18 19.82 -10.32
CA GLY A 44 46.03 20.60 -11.20
C GLY A 44 45.36 21.44 -12.26
N TYR A 45 44.03 21.55 -12.25
CA TYR A 45 43.32 22.35 -13.24
C TYR A 45 42.96 23.72 -12.69
N LYS A 46 42.99 24.72 -13.57
CA LYS A 46 42.35 25.99 -13.28
C LYS A 46 40.84 25.80 -13.44
N VAL A 47 40.07 26.47 -12.59
CA VAL A 47 38.63 26.29 -12.55
C VAL A 47 37.98 27.65 -12.80
N ILE A 48 37.07 27.69 -13.76
CA ILE A 48 36.23 28.85 -14.00
C ILE A 48 34.84 28.51 -13.49
N SER A 49 34.38 29.27 -12.49
CA SER A 49 33.04 29.11 -11.96
C SER A 49 32.07 29.81 -12.91
N VAL A 50 31.08 29.10 -13.41
CA VAL A 50 30.12 29.66 -14.36
C VAL A 50 28.88 30.06 -13.59
N ASP A 51 28.31 31.20 -13.95
CA ASP A 51 27.20 31.79 -13.23
C ASP A 51 25.87 31.17 -13.62
N SER A 52 25.91 29.92 -14.08
CA SER A 52 24.70 29.24 -14.53
C SER A 52 24.92 27.75 -14.30
N SER A 53 23.87 26.97 -14.54
CA SER A 53 23.99 25.52 -14.49
C SER A 53 23.72 24.85 -15.84
N ASP A 54 23.32 25.60 -16.86
CA ASP A 54 22.99 25.04 -18.16
C ASP A 54 24.14 25.28 -19.12
N LYS A 55 24.62 24.20 -19.72
CA LYS A 55 25.77 24.25 -20.62
C LYS A 55 25.57 25.17 -21.82
N ASP A 56 24.33 25.41 -22.23
CA ASP A 56 24.09 26.28 -23.38
C ASP A 56 24.32 27.75 -23.05
N ASP A 57 24.20 28.13 -21.78
CA ASP A 57 24.42 29.51 -21.37
C ASP A 57 25.90 29.83 -21.22
N LEU A 58 26.77 28.96 -21.72
CA LEU A 58 28.19 29.25 -21.72
C LEU A 58 28.49 30.25 -22.83
N SER A 59 29.24 31.30 -22.48
CA SER A 59 29.70 32.23 -23.49
C SER A 59 30.72 31.56 -24.40
N PHE A 60 30.82 32.05 -25.62
CA PHE A 60 31.78 31.48 -26.55
C PHE A 60 33.18 31.54 -25.96
N SER A 61 33.51 32.66 -25.31
CA SER A 61 34.75 32.75 -24.55
C SER A 61 34.95 31.52 -23.69
N GLN A 62 33.93 31.15 -22.92
CA GLN A 62 34.07 30.04 -21.97
C GLN A 62 34.23 28.72 -22.71
N LYS A 63 33.40 28.48 -23.72
CA LYS A 63 33.56 27.27 -24.53
C LYS A 63 34.96 27.19 -25.13
N LYS A 64 35.57 28.33 -25.45
CA LYS A 64 36.89 28.34 -26.08
C LYS A 64 37.98 28.02 -25.07
N GLU A 65 38.05 28.81 -23.99
CA GLU A 65 39.11 28.61 -23.01
C GLU A 65 38.97 27.27 -22.28
N GLY A 66 37.76 26.69 -22.28
CA GLY A 66 37.49 25.55 -21.44
C GLY A 66 37.86 24.24 -22.10
N TYR A 67 38.62 23.42 -21.37
CA TYR A 67 38.90 22.06 -21.81
C TYR A 67 37.66 21.18 -21.65
N LEU A 68 37.13 21.11 -20.44
CA LEU A 68 35.96 20.31 -20.12
C LEU A 68 34.99 21.16 -19.31
N ALA A 69 33.78 20.64 -19.14
CA ALA A 69 32.81 21.24 -18.24
C ALA A 69 32.23 20.15 -17.34
N VAL A 70 32.06 20.47 -16.07
CA VAL A 70 31.50 19.53 -15.10
C VAL A 70 30.14 20.05 -14.68
N ALA A 71 29.12 19.21 -14.84
CA ALA A 71 27.73 19.55 -14.52
C ALA A 71 27.17 18.61 -13.46
N MET A 72 26.55 19.19 -12.43
CA MET A 72 25.88 18.40 -11.40
C MET A 72 24.40 18.71 -11.39
N ASN A 73 23.58 17.68 -11.26
CA ASN A 73 22.17 17.88 -11.00
C ASN A 73 21.72 16.83 -10.00
N GLY A 74 20.57 17.05 -9.40
CA GLY A 74 20.16 16.12 -8.37
C GLY A 74 18.78 16.39 -7.80
N GLU A 75 18.22 15.33 -7.24
CA GLU A 75 17.02 15.36 -6.44
C GLU A 75 17.42 14.78 -5.09
N ILE A 76 17.31 15.58 -4.03
CA ILE A 76 17.73 15.17 -2.70
C ILE A 76 16.49 15.15 -1.82
N VAL A 77 15.98 13.95 -1.53
CA VAL A 77 14.75 13.76 -0.78
C VAL A 77 15.10 13.13 0.56
N LEU A 78 14.51 13.63 1.63
CA LEU A 78 14.55 12.95 2.92
C LEU A 78 13.11 12.73 3.37
N ARG A 79 12.73 11.47 3.52
CA ARG A 79 11.37 11.12 3.91
C ARG A 79 11.44 10.03 4.96
N PRO A 80 10.40 9.91 5.78
CA PRO A 80 10.42 8.89 6.83
C PRO A 80 10.25 7.51 6.23
N ASP A 81 10.97 6.56 6.81
CA ASP A 81 10.62 5.15 6.61
C ASP A 81 9.27 4.97 7.27
N PRO A 82 8.18 4.80 6.51
CA PRO A 82 6.83 4.76 7.13
C PRO A 82 6.59 3.58 8.07
N LYS A 83 7.44 2.56 8.05
CA LYS A 83 7.24 1.42 8.93
C LYS A 83 7.68 1.70 10.36
N ARG A 84 8.49 2.73 10.58
CA ARG A 84 9.20 2.93 11.83
C ARG A 84 8.71 4.17 12.57
N THR A 85 7.54 4.67 12.21
CA THR A 85 6.93 5.79 12.92
C THR A 85 6.12 5.22 14.06
N ILE A 86 6.52 5.52 15.29
CA ILE A 86 5.81 5.07 16.47
C ILE A 86 5.02 6.26 17.00
N GLN A 87 3.74 6.06 17.24
CA GLN A 87 2.87 7.13 17.71
C GLN A 87 2.29 6.67 19.05
N LYS A 88 3.10 6.78 20.09
CA LYS A 88 2.70 6.40 21.44
C LYS A 88 2.11 7.63 22.14
N LYS A 89 0.86 7.50 22.60
CA LYS A 89 0.09 8.60 23.17
C LYS A 89 -0.01 8.42 24.68
N SER A 90 -0.21 9.54 25.36
CA SER A 90 -0.31 9.52 26.81
C SER A 90 -1.52 8.69 27.25
N GLU A 91 -1.24 7.62 27.98
CA GLU A 91 -2.30 6.86 28.62
C GLU A 91 -2.74 7.64 29.85
N PRO A 92 -4.01 8.05 29.95
CA PRO A 92 -4.43 8.91 31.06
C PRO A 92 -4.39 8.15 32.37
N GLY A 93 -3.78 8.76 33.38
CA GLY A 93 -3.66 8.11 34.66
C GLY A 93 -3.00 6.76 34.54
N LEU A 94 -1.67 6.75 34.48
CA LEU A 94 -0.88 5.53 34.59
C LEU A 94 0.14 5.69 35.71
N LEU A 95 -0.22 6.45 36.76
CA LEU A 95 0.65 6.76 37.90
C LEU A 95 1.68 7.80 37.51
N PHE A 96 2.10 7.80 36.25
CA PHE A 96 2.90 8.89 35.69
C PHE A 96 2.30 9.25 34.35
N SER A 97 1.72 10.44 34.25
CA SER A 97 1.05 10.90 33.04
C SER A 97 1.85 12.04 32.44
N THR A 98 2.51 11.79 31.31
CA THR A 98 3.11 12.85 30.52
C THR A 98 2.00 13.39 29.60
N GLY A 99 1.66 14.66 29.78
CA GLY A 99 0.61 15.23 28.96
C GLY A 99 0.97 15.47 27.52
N LEU A 100 2.17 15.10 27.10
CA LEU A 100 2.57 15.24 25.71
C LEU A 100 2.42 13.92 24.96
N ASP A 101 1.87 14.02 23.76
CA ASP A 101 1.85 12.94 22.78
C ASP A 101 3.12 13.05 21.96
N LYS A 102 3.81 11.92 21.76
CA LYS A 102 5.04 11.96 21.01
C LYS A 102 4.94 11.09 19.76
N MET A 103 5.73 11.45 18.76
CA MET A 103 5.91 10.65 17.56
C MET A 103 7.41 10.37 17.50
N GLU A 104 7.77 9.24 16.89
CA GLU A 104 9.16 8.83 16.80
C GLU A 104 9.33 8.21 15.43
N GLY A 105 10.38 8.59 14.72
CA GLY A 105 10.54 8.05 13.39
C GLY A 105 11.98 8.09 12.93
N VAL A 106 12.19 7.69 11.69
CA VAL A 106 13.52 7.68 11.11
C VAL A 106 13.44 8.23 9.68
N LEU A 107 14.38 9.10 9.34
CA LEU A 107 14.44 9.65 7.99
C LEU A 107 15.40 8.81 7.16
N ILE A 108 15.00 8.51 5.93
CA ILE A 108 15.86 7.78 4.98
C ILE A 108 16.15 8.65 3.77
N PRO A 109 17.25 8.42 3.07
CA PRO A 109 17.55 9.21 1.87
C PRO A 109 16.91 8.66 0.61
N ALA A 110 16.64 9.58 -0.33
CA ALA A 110 16.07 9.21 -1.62
C ALA A 110 16.51 10.21 -2.68
N GLY A 111 16.40 9.79 -3.92
CA GLY A 111 16.80 10.61 -5.04
C GLY A 111 18.17 10.26 -5.58
N PHE A 112 18.75 11.22 -6.27
CA PHE A 112 19.98 10.97 -6.98
C PHE A 112 20.84 12.21 -7.10
N VAL A 113 22.11 11.99 -7.39
CA VAL A 113 23.01 13.07 -7.78
C VAL A 113 23.85 12.59 -8.96
N LYS A 114 23.72 13.26 -10.09
CA LYS A 114 24.43 12.91 -11.32
C LYS A 114 25.48 13.96 -11.62
N VAL A 115 26.70 13.48 -11.88
CA VAL A 115 27.81 14.32 -12.32
C VAL A 115 28.14 13.96 -13.76
N THR A 116 28.30 14.98 -14.60
CA THR A 116 28.51 14.81 -16.04
C THR A 116 29.72 15.61 -16.48
N ILE A 117 30.60 14.95 -17.22
CA ILE A 117 31.76 15.60 -17.85
C ILE A 117 31.45 15.77 -19.32
N LEU A 118 31.48 17.03 -19.77
CA LEU A 118 31.10 17.41 -21.12
C LEU A 118 32.25 18.12 -21.82
N GLU A 119 32.16 18.14 -23.15
CA GLU A 119 33.03 18.98 -23.95
C GLU A 119 32.30 20.29 -24.23
N PRO A 120 32.85 21.44 -23.82
CA PRO A 120 32.04 22.67 -23.83
C PRO A 120 31.51 23.05 -25.20
N MET A 121 32.36 23.03 -26.22
CA MET A 121 31.94 23.51 -27.53
C MET A 121 30.73 22.74 -28.04
N SER A 122 30.87 21.42 -28.16
CA SER A 122 29.77 20.59 -28.66
C SER A 122 28.70 20.36 -27.61
N GLY A 123 29.06 20.48 -26.32
CA GLY A 123 28.11 20.12 -25.30
C GLY A 123 27.87 18.64 -25.19
N GLU A 124 28.67 17.83 -25.87
CA GLU A 124 28.46 16.39 -25.86
C GLU A 124 29.03 15.81 -24.57
N SER A 125 28.36 14.77 -24.07
CA SER A 125 28.69 14.19 -22.79
C SER A 125 29.87 13.23 -22.94
N LEU A 126 30.98 13.54 -22.29
CA LEU A 126 32.13 12.67 -22.32
C LEU A 126 32.05 11.56 -21.29
N ASP A 127 31.36 11.80 -20.18
CA ASP A 127 31.15 10.73 -19.21
C ASP A 127 30.15 11.23 -18.18
N SER A 128 29.63 10.29 -17.39
CA SER A 128 28.79 10.70 -16.27
C SER A 128 28.65 9.54 -15.30
N PHE A 129 28.54 9.87 -14.03
CA PHE A 129 28.21 8.88 -13.02
C PHE A 129 27.08 9.40 -12.14
N THR A 130 26.16 8.50 -11.85
CA THR A 130 25.00 8.80 -11.03
C THR A 130 25.17 8.09 -9.68
N MET A 131 24.97 8.83 -8.60
CA MET A 131 24.96 8.27 -7.26
C MET A 131 23.51 8.17 -6.79
N ASP A 132 23.05 6.96 -6.52
CA ASP A 132 21.70 6.74 -6.02
C ASP A 132 21.70 6.95 -4.51
N LEU A 133 20.94 7.93 -4.05
CA LEU A 133 20.94 8.29 -2.64
C LEU A 133 20.20 7.26 -1.80
N SER A 134 19.21 6.59 -2.37
CA SER A 134 18.51 5.55 -1.63
C SER A 134 19.48 4.46 -1.18
N GLU A 135 20.55 4.22 -1.95
CA GLU A 135 21.50 3.17 -1.61
C GLU A 135 22.25 3.48 -0.31
N LEU A 136 22.33 4.73 0.10
CA LEU A 136 23.03 5.05 1.34
C LEU A 136 22.23 4.52 2.53
N ASP A 137 22.93 3.88 3.48
CA ASP A 137 22.26 3.39 4.69
C ASP A 137 22.26 4.50 5.74
N ILE A 138 21.29 5.38 5.62
CA ILE A 138 21.13 6.49 6.55
C ILE A 138 19.79 6.31 7.24
N GLN A 139 19.83 6.25 8.57
CA GLN A 139 18.64 6.07 9.40
C GLN A 139 18.82 7.06 10.53
N GLU A 140 18.19 8.22 10.42
CA GLU A 140 18.32 9.27 11.42
C GLU A 140 17.01 9.38 12.19
N LYS A 141 17.07 9.10 13.48
CA LYS A 141 15.89 9.10 14.32
C LYS A 141 15.50 10.52 14.68
N PHE A 142 14.20 10.77 14.70
CA PHE A 142 13.66 12.05 15.09
C PHE A 142 12.41 11.80 15.90
N LEU A 143 12.07 12.78 16.73
CA LEU A 143 10.83 12.72 17.49
C LEU A 143 10.30 14.13 17.65
N LYS A 144 9.01 14.30 17.42
CA LYS A 144 8.28 15.54 17.58
C LYS A 144 7.09 15.21 18.46
N THR A 145 6.68 16.19 19.27
CA THR A 145 5.63 15.97 20.26
C THR A 145 4.50 16.96 20.02
N THR A 146 3.40 16.45 19.44
CA THR A 146 2.16 17.21 19.39
C THR A 146 1.56 17.31 20.79
N HIS A 147 1.04 18.49 21.10
CA HIS A 147 0.30 18.69 22.34
C HIS A 147 -1.02 17.93 22.27
N SER A 148 -1.26 17.08 23.28
CA SER A 148 -2.30 16.05 23.18
C SER A 148 -3.70 16.63 23.48
N SER A 149 -4.71 15.79 23.24
CA SER A 149 -6.10 16.27 23.23
C SER A 149 -6.68 16.40 24.62
N HIS A 150 -6.48 15.41 25.48
CA HIS A 150 -7.00 15.47 26.85
C HIS A 150 -5.91 15.97 27.81
N SER A 151 -5.42 17.18 27.50
CA SER A 151 -4.44 17.85 28.35
C SER A 151 -4.72 19.34 28.47
N GLY A 152 -5.90 19.81 28.06
CA GLY A 152 -6.15 21.24 28.04
C GLY A 152 -5.98 21.91 29.39
N GLY A 153 -6.29 21.19 30.47
CA GLY A 153 -6.11 21.74 31.80
C GLY A 153 -4.66 21.89 32.19
N LEU A 154 -3.77 21.12 31.57
CA LEU A 154 -2.35 21.17 31.92
C LEU A 154 -1.81 22.58 31.66
N VAL A 155 -1.03 23.09 32.62
CA VAL A 155 -0.46 24.42 32.52
C VAL A 155 0.72 24.41 31.57
N SER A 156 1.23 25.61 31.25
CA SER A 156 2.31 25.74 30.29
C SER A 156 3.51 24.87 30.67
N THR A 157 3.88 24.84 31.95
CA THR A 157 5.16 24.24 32.32
C THR A 157 5.21 22.74 32.05
N MET A 158 4.09 22.04 32.14
CA MET A 158 4.08 20.60 32.01
C MET A 158 3.78 20.13 30.58
N VAL A 159 3.76 21.03 29.60
CA VAL A 159 3.46 20.66 28.22
C VAL A 159 4.35 21.42 27.24
N LYS A 160 5.67 21.30 27.43
CA LYS A 160 6.63 21.98 26.55
C LYS A 160 6.95 21.03 25.41
N GLY A 161 6.20 21.18 24.32
CA GLY A 161 6.50 20.40 23.13
C GLY A 161 7.90 20.68 22.61
N THR A 162 8.41 19.72 21.85
CA THR A 162 9.68 19.90 21.16
C THR A 162 9.68 19.07 19.88
N ASP A 163 10.60 19.43 18.98
CA ASP A 163 10.74 18.76 17.70
C ASP A 163 12.22 18.80 17.35
N ASN A 164 12.79 17.65 16.99
CA ASN A 164 14.19 17.60 16.60
C ASN A 164 14.36 17.20 15.13
N SER A 165 13.36 17.51 14.31
CA SER A 165 13.46 17.16 12.89
C SER A 165 14.68 17.83 12.26
N ASN A 166 14.82 19.14 12.45
CA ASN A 166 15.88 19.88 11.78
C ASN A 166 17.26 19.33 12.12
N ASP A 167 17.44 18.77 13.32
CA ASP A 167 18.73 18.18 13.64
C ASP A 167 18.94 16.88 12.88
N ALA A 168 17.91 16.05 12.76
CA ALA A 168 18.01 14.85 11.94
C ALA A 168 18.24 15.21 10.48
N ILE A 169 17.56 16.24 9.99
CA ILE A 169 17.78 16.65 8.60
C ILE A 169 19.23 17.08 8.43
N LYS A 170 19.76 17.84 9.38
CA LYS A 170 21.15 18.26 9.31
C LYS A 170 22.09 17.06 9.27
N SER A 171 21.88 16.09 10.17
CA SER A 171 22.76 14.93 10.25
C SER A 171 22.73 14.12 8.95
N ALA A 172 21.52 13.92 8.40
CA ALA A 172 21.38 13.18 7.16
C ALA A 172 22.04 13.92 5.99
N LEU A 173 21.89 15.24 5.93
CA LEU A 173 22.55 15.98 4.88
C LEU A 173 24.06 15.95 5.03
N ASN A 174 24.56 15.90 6.27
CA ASN A 174 26.00 15.81 6.48
C ASN A 174 26.53 14.54 5.85
N LYS A 175 25.94 13.39 6.23
CA LYS A 175 26.41 12.12 5.69
C LYS A 175 26.27 12.10 4.17
N ILE A 176 25.12 12.56 3.66
CA ILE A 176 24.92 12.56 2.23
C ILE A 176 26.02 13.32 1.53
N PHE A 177 26.30 14.53 2.02
CA PHE A 177 27.36 15.36 1.46
C PHE A 177 28.70 14.65 1.51
N ALA A 178 29.03 14.05 2.66
CA ALA A 178 30.32 13.38 2.80
C ALA A 178 30.45 12.27 1.76
N ASN A 179 29.50 11.35 1.73
CA ASN A 179 29.58 10.21 0.83
C ASN A 179 29.62 10.67 -0.62
N ILE A 180 28.91 11.75 -0.93
CA ILE A 180 28.86 12.24 -2.31
C ILE A 180 30.21 12.83 -2.72
N MET A 181 30.78 13.69 -1.88
CA MET A 181 32.09 14.24 -2.18
C MET A 181 33.14 13.15 -2.27
N GLN A 182 32.98 12.08 -1.48
CA GLN A 182 33.92 10.97 -1.54
C GLN A 182 33.89 10.34 -2.94
N GLU A 183 32.69 10.02 -3.43
CA GLU A 183 32.61 9.49 -4.80
C GLU A 183 33.19 10.46 -5.81
N ILE A 184 32.85 11.75 -5.69
CA ILE A 184 33.31 12.72 -6.68
C ILE A 184 34.83 12.77 -6.68
N ASP A 185 35.44 12.72 -5.50
CA ASP A 185 36.89 12.70 -5.42
C ASP A 185 37.45 11.44 -6.06
N LYS A 186 36.73 10.32 -5.96
CA LYS A 186 37.18 9.14 -6.70
C LYS A 186 37.24 9.44 -8.20
N LYS A 187 36.19 10.05 -8.72
CA LYS A 187 36.05 10.08 -10.17
C LYS A 187 36.90 11.17 -10.81
N LEU A 188 36.98 12.33 -10.18
CA LEU A 188 37.65 13.48 -10.79
C LEU A 188 39.14 13.44 -10.43
N THR A 189 39.83 12.52 -11.09
CA THR A 189 41.27 12.36 -10.97
C THR A 189 41.93 12.90 -12.23
N GLN A 190 43.07 13.59 -12.07
CA GLN A 190 43.77 14.16 -13.22
C GLN A 190 43.92 13.12 -14.32
N LYS A 191 44.04 11.86 -13.88
CA LYS A 191 44.17 10.75 -14.81
C LYS A 191 42.88 10.50 -15.57
N ASN A 192 41.73 10.52 -14.88
CA ASN A 192 40.43 10.33 -15.54
C ASN A 192 40.11 11.49 -16.45
N LEU A 193 40.40 12.71 -16.00
CA LEU A 193 40.04 13.87 -16.79
C LEU A 193 40.89 13.96 -18.05
N GLU A 194 42.20 13.67 -17.92
CA GLU A 194 43.08 13.75 -19.07
C GLU A 194 42.83 12.62 -20.05
N SER A 195 42.19 11.53 -19.62
CA SER A 195 41.84 10.49 -20.57
C SER A 195 40.77 10.90 -21.57
N TYR A 196 40.14 12.07 -21.39
CA TYR A 196 39.13 12.53 -22.32
C TYR A 196 39.69 13.45 -23.40
N GLN A 197 40.97 13.78 -23.32
CA GLN A 197 41.51 14.89 -24.10
C GLN A 197 41.35 14.65 -25.59
N LYS A 198 41.49 13.39 -26.04
CA LYS A 198 41.35 13.11 -27.46
C LYS A 198 39.92 13.40 -27.94
N ASP A 199 38.94 12.69 -27.39
CA ASP A 199 37.56 12.93 -27.81
C ASP A 199 37.19 14.40 -27.66
N ALA A 200 37.73 15.07 -26.63
CA ALA A 200 37.40 16.47 -26.47
C ALA A 200 37.94 17.28 -27.65
N LYS A 201 39.20 17.07 -28.02
CA LYS A 201 39.76 17.73 -29.21
C LYS A 201 38.91 17.44 -30.43
N GLU A 202 38.55 16.17 -30.63
CA GLU A 202 37.79 15.79 -31.81
C GLU A 202 36.43 16.47 -31.84
N LEU A 203 35.75 16.52 -30.69
CA LEU A 203 34.41 17.09 -30.66
C LEU A 203 34.46 18.60 -30.86
N LYS A 204 35.39 19.26 -30.18
CA LYS A 204 35.63 20.67 -30.43
C LYS A 204 35.87 20.91 -31.92
N GLY A 205 36.72 20.08 -32.53
CA GLY A 205 37.02 20.23 -33.94
C GLY A 205 35.79 20.12 -34.81
N LYS A 206 35.08 19.00 -34.67
CA LYS A 206 33.85 18.82 -35.44
C LYS A 206 32.95 20.04 -35.31
N ARG A 207 32.81 20.57 -34.10
CA ARG A 207 31.93 21.71 -33.90
C ARG A 207 32.60 23.05 -34.20
N ASN A 208 33.93 23.13 -34.12
CA ASN A 208 34.61 24.37 -34.49
C ASN A 208 34.61 24.56 -36.01
N ARG A 209 34.87 23.49 -36.76
CA ARG A 209 34.77 23.57 -38.21
C ARG A 209 33.31 23.68 -38.66
N HIS A 210 32.38 23.11 -37.88
CA HIS A 210 30.98 23.18 -38.25
C HIS A 210 30.45 24.61 -38.25
N HIS A 211 31.12 25.52 -37.55
CA HIS A 211 30.69 26.92 -37.55
C HIS A 211 31.22 27.70 -38.73
N HIS A 212 32.33 27.26 -39.32
CA HIS A 212 33.05 28.03 -40.33
C HIS A 212 32.71 27.62 -41.76
N HIS A 213 31.98 26.52 -41.97
CA HIS A 213 31.57 26.12 -43.31
C HIS A 213 30.38 26.97 -43.76
N HIS A 214 29.18 26.61 -43.32
CA HIS A 214 27.98 27.41 -43.57
C HIS A 214 27.11 27.42 -42.29
N LEU B 3 39.92 -9.48 -30.56
CA LEU B 3 39.98 -10.70 -29.76
C LEU B 3 38.99 -10.66 -28.61
N ASP B 4 39.02 -9.58 -27.84
CA ASP B 4 38.23 -9.46 -26.62
C ASP B 4 37.27 -8.29 -26.76
N GLU B 5 35.98 -8.58 -26.70
CA GLU B 5 34.94 -7.56 -26.76
C GLU B 5 34.46 -7.20 -25.36
N LYS B 6 34.17 -5.91 -25.17
CA LYS B 6 33.79 -5.38 -23.88
C LYS B 6 32.27 -5.35 -23.79
N ILE B 7 31.74 -5.65 -22.61
CA ILE B 7 30.31 -5.56 -22.35
C ILE B 7 30.11 -4.52 -21.26
N LEU B 8 29.15 -3.62 -21.49
CA LEU B 8 28.81 -2.59 -20.52
C LEU B 8 27.68 -3.12 -19.64
N LEU B 9 27.99 -3.34 -18.37
CA LEU B 9 27.03 -3.84 -17.40
C LEU B 9 26.45 -2.65 -16.62
N LEU B 10 25.15 -2.45 -16.75
CA LEU B 10 24.51 -1.34 -16.07
C LEU B 10 24.09 -1.69 -14.65
N ARG B 11 23.94 -0.65 -13.86
CA ARG B 11 23.47 -0.79 -12.49
C ARG B 11 22.07 -1.39 -12.47
N PRO B 12 21.80 -2.35 -11.59
CA PRO B 12 20.43 -2.88 -11.48
C PRO B 12 19.48 -1.83 -10.90
N ALA B 13 18.30 -1.75 -11.49
CA ALA B 13 17.23 -0.92 -10.97
C ALA B 13 16.21 -1.90 -10.40
N PHE B 14 16.35 -2.19 -9.11
CA PHE B 14 15.46 -3.09 -8.39
C PHE B 14 14.72 -2.28 -7.34
N GLN B 15 13.41 -2.41 -7.29
CA GLN B 15 12.65 -1.91 -6.16
C GLN B 15 12.03 -3.09 -5.40
N TYR B 16 11.87 -2.89 -4.10
CA TYR B 16 11.39 -3.94 -3.22
C TYR B 16 10.20 -3.42 -2.42
N SER B 17 9.55 -4.35 -1.71
CA SER B 17 8.54 -3.98 -0.72
C SER B 17 9.19 -3.38 0.52
N ASP B 18 8.41 -2.56 1.23
CA ASP B 18 8.97 -1.79 2.33
C ASP B 18 9.47 -2.69 3.46
N ASN B 19 8.93 -3.91 3.58
CA ASN B 19 9.35 -4.80 4.65
C ASN B 19 10.73 -5.40 4.43
N ILE B 20 11.41 -5.07 3.34
CA ILE B 20 12.75 -5.58 3.08
C ILE B 20 13.75 -4.51 3.51
N ALA B 21 14.60 -4.86 4.45
CA ALA B 21 15.55 -3.92 5.02
C ALA B 21 16.44 -3.31 3.93
N LYS B 22 16.80 -2.04 4.14
CA LYS B 22 17.69 -1.36 3.21
C LYS B 22 18.98 -2.12 2.99
N GLU B 23 19.59 -2.62 4.08
CA GLU B 23 20.82 -3.40 3.93
C GLU B 23 20.59 -4.58 3.00
N TYR B 24 19.44 -5.23 3.13
CA TYR B 24 19.14 -6.38 2.28
C TYR B 24 18.97 -5.94 0.83
N GLU B 25 18.24 -4.85 0.60
CA GLU B 25 18.09 -4.33 -0.75
C GLU B 25 19.46 -4.09 -1.39
N ASN B 26 20.35 -3.43 -0.65
CA ASN B 26 21.66 -3.11 -1.21
C ASN B 26 22.45 -4.38 -1.51
N LYS B 27 22.47 -5.33 -0.57
CA LYS B 27 23.25 -6.54 -0.83
C LYS B 27 22.68 -7.33 -1.99
N PHE B 28 21.35 -7.40 -2.09
CA PHE B 28 20.74 -8.10 -3.22
C PHE B 28 21.15 -7.47 -4.55
N LYS B 29 20.99 -6.15 -4.67
CA LYS B 29 21.37 -5.47 -5.90
C LYS B 29 22.85 -5.69 -6.21
N ASN B 30 23.72 -5.43 -5.23
CA ASN B 30 25.15 -5.46 -5.49
C ASN B 30 25.60 -6.86 -5.88
N GLN B 31 25.10 -7.87 -5.17
CA GLN B 31 25.49 -9.25 -5.46
C GLN B 31 24.95 -9.68 -6.81
N THR B 32 23.74 -9.26 -7.16
CA THR B 32 23.23 -9.53 -8.49
C THR B 32 24.21 -9.01 -9.54
N ALA B 33 24.59 -7.74 -9.39
CA ALA B 33 25.50 -7.11 -10.36
C ALA B 33 26.83 -7.85 -10.42
N LEU B 34 27.40 -8.18 -9.27
CA LEU B 34 28.74 -8.77 -9.26
C LEU B 34 28.72 -10.19 -9.82
N LYS B 35 27.65 -10.95 -9.57
CA LYS B 35 27.57 -12.29 -10.14
C LYS B 35 27.40 -12.23 -11.66
N VAL B 36 26.59 -11.28 -12.15
CA VAL B 36 26.48 -11.12 -13.59
C VAL B 36 27.84 -10.75 -14.19
N GLU B 37 28.58 -9.87 -13.52
CA GLU B 37 29.94 -9.55 -13.96
C GLU B 37 30.77 -10.81 -14.06
N GLN B 38 30.69 -11.67 -13.04
CA GLN B 38 31.47 -12.89 -13.05
C GLN B 38 31.11 -13.75 -14.25
N ILE B 39 29.82 -13.88 -14.52
CA ILE B 39 29.38 -14.69 -15.65
C ILE B 39 29.98 -14.16 -16.95
N LEU B 40 29.80 -12.86 -17.21
CA LEU B 40 30.24 -12.28 -18.47
C LEU B 40 31.76 -12.39 -18.62
N GLN B 41 32.49 -12.23 -17.51
CA GLN B 41 33.93 -12.42 -17.56
C GLN B 41 34.28 -13.87 -17.91
N ASN B 42 33.47 -14.82 -17.43
CA ASN B 42 33.70 -16.22 -17.73
C ASN B 42 33.44 -16.54 -19.19
N GLN B 43 32.51 -15.82 -19.82
CA GLN B 43 32.22 -16.01 -21.24
C GLN B 43 33.27 -15.38 -22.14
N GLY B 44 34.35 -14.86 -21.58
CA GLY B 44 35.45 -14.37 -22.37
C GLY B 44 35.41 -12.90 -22.67
N TYR B 45 34.45 -12.18 -22.10
CA TYR B 45 34.32 -10.75 -22.32
C TYR B 45 34.96 -9.97 -21.19
N LYS B 46 35.57 -8.84 -21.54
CA LYS B 46 35.93 -7.83 -20.56
C LYS B 46 34.65 -7.10 -20.18
N VAL B 47 34.54 -6.69 -18.93
CA VAL B 47 33.31 -6.09 -18.43
C VAL B 47 33.61 -4.71 -17.89
N ILE B 48 32.88 -3.72 -18.38
CA ILE B 48 32.90 -2.37 -17.85
C ILE B 48 31.63 -2.19 -17.04
N SER B 49 31.76 -2.03 -15.73
CA SER B 49 30.61 -1.71 -14.89
C SER B 49 30.36 -0.21 -14.98
N VAL B 50 29.16 0.20 -15.39
CA VAL B 50 28.86 1.63 -15.53
C VAL B 50 28.09 2.11 -14.32
N ASP B 51 28.46 3.29 -13.81
CA ASP B 51 27.86 3.86 -12.61
CA ASP B 51 27.86 3.85 -12.61
C ASP B 51 26.52 4.53 -12.94
N SER B 52 25.62 3.74 -13.52
CA SER B 52 24.26 4.17 -13.79
C SER B 52 23.45 2.95 -14.19
N SER B 53 22.13 3.13 -14.24
CA SER B 53 21.21 2.09 -14.68
C SER B 53 20.45 2.49 -15.95
N ASP B 54 20.67 3.70 -16.45
CA ASP B 54 19.96 4.20 -17.63
C ASP B 54 20.89 4.12 -18.82
N LYS B 55 20.45 3.42 -19.87
CA LYS B 55 21.30 3.27 -21.05
C LYS B 55 21.65 4.63 -21.64
N ASP B 56 20.84 5.65 -21.37
CA ASP B 56 21.09 6.96 -21.95
C ASP B 56 22.35 7.60 -21.37
N ASP B 57 22.77 7.19 -20.18
CA ASP B 57 23.93 7.76 -19.51
C ASP B 57 25.26 7.16 -19.96
N LEU B 58 25.29 6.42 -21.06
CA LEU B 58 26.54 5.88 -21.55
C LEU B 58 27.38 7.01 -22.13
N SER B 59 28.67 7.01 -21.79
CA SER B 59 29.62 7.98 -22.30
C SER B 59 29.90 7.76 -23.79
N PHE B 60 30.38 8.81 -24.43
CA PHE B 60 30.72 8.74 -25.85
C PHE B 60 31.70 7.60 -26.09
N SER B 61 32.72 7.52 -25.25
CA SER B 61 33.63 6.39 -25.24
C SER B 61 32.90 5.06 -25.18
N GLN B 62 31.95 4.93 -24.25
CA GLN B 62 31.30 3.64 -24.03
C GLN B 62 30.45 3.21 -25.22
N LYS B 63 29.68 4.14 -25.78
CA LYS B 63 28.97 3.84 -27.02
C LYS B 63 29.93 3.38 -28.10
N LYS B 64 31.15 3.93 -28.12
CA LYS B 64 32.08 3.54 -29.18
C LYS B 64 32.67 2.15 -28.92
N GLU B 65 33.32 1.97 -27.77
CA GLU B 65 33.99 0.73 -27.44
C GLU B 65 33.04 -0.44 -27.23
N GLY B 66 31.76 -0.19 -27.00
CA GLY B 66 30.88 -1.24 -26.50
C GLY B 66 30.34 -2.13 -27.60
N TYR B 67 30.49 -3.44 -27.41
CA TYR B 67 29.80 -4.40 -28.25
C TYR B 67 28.32 -4.47 -27.85
N LEU B 68 28.06 -4.83 -26.61
CA LEU B 68 26.70 -4.96 -26.10
C LEU B 68 26.59 -4.24 -24.76
N ALA B 69 25.36 -4.08 -24.30
CA ALA B 69 25.08 -3.55 -22.97
C ALA B 69 24.04 -4.44 -22.30
N VAL B 70 24.22 -4.68 -21.00
CA VAL B 70 23.28 -5.49 -20.25
C VAL B 70 22.64 -4.60 -19.18
N ALA B 71 21.30 -4.54 -19.20
CA ALA B 71 20.53 -3.76 -18.25
C ALA B 71 19.60 -4.70 -17.50
N MET B 72 19.55 -4.57 -16.18
CA MET B 72 18.62 -5.33 -15.37
C MET B 72 17.68 -4.36 -14.66
N ASN B 73 16.40 -4.73 -14.60
CA ASN B 73 15.48 -4.03 -13.72
C ASN B 73 14.56 -5.07 -13.10
N GLY B 74 13.91 -4.71 -12.00
CA GLY B 74 13.12 -5.72 -11.32
C GLY B 74 12.36 -5.17 -10.14
N GLU B 75 11.30 -5.90 -9.80
CA GLU B 75 10.51 -5.65 -8.61
C GLU B 75 10.49 -6.94 -7.80
N ILE B 76 11.02 -6.88 -6.58
CA ILE B 76 11.18 -8.04 -5.72
C ILE B 76 10.28 -7.82 -4.51
N VAL B 77 9.14 -8.50 -4.49
CA VAL B 77 8.13 -8.34 -3.45
C VAL B 77 8.05 -9.64 -2.66
N LEU B 78 8.02 -9.51 -1.33
CA LEU B 78 7.75 -10.63 -0.44
C LEU B 78 6.54 -10.25 0.42
N ARG B 79 5.47 -11.02 0.31
CA ARG B 79 4.25 -10.75 1.04
C ARG B 79 3.67 -12.07 1.55
N PRO B 80 2.84 -12.00 2.59
CA PRO B 80 2.26 -13.24 3.13
C PRO B 80 1.17 -13.81 2.23
N ASP B 81 1.18 -15.13 2.08
CA ASP B 81 0.05 -15.85 1.48
C ASP B 81 -1.13 -15.67 2.43
N PRO B 82 -2.11 -14.82 2.10
CA PRO B 82 -3.17 -14.53 3.10
C PRO B 82 -3.96 -15.75 3.51
N LYS B 83 -3.89 -16.83 2.73
CA LYS B 83 -4.56 -18.06 3.11
C LYS B 83 -3.73 -18.91 4.05
N ARG B 84 -2.91 -18.26 4.88
CA ARG B 84 -2.08 -19.02 5.81
C ARG B 84 -1.67 -18.23 7.05
N THR B 85 -2.30 -17.09 7.30
CA THR B 85 -2.00 -16.29 8.49
C THR B 85 -2.92 -16.75 9.61
N ILE B 86 -2.32 -17.33 10.66
CA ILE B 86 -3.06 -17.86 11.80
C ILE B 86 -2.89 -16.91 12.98
N GLN B 87 -4.01 -16.58 13.65
CA GLN B 87 -4.01 -15.69 14.80
C GLN B 87 -4.54 -16.40 16.03
N LYS B 88 -3.74 -16.42 17.09
CA LYS B 88 -4.16 -16.87 18.40
C LYS B 88 -4.08 -15.68 19.35
N LYS B 89 -5.21 -15.32 19.94
CA LYS B 89 -5.22 -14.33 21.02
C LYS B 89 -4.66 -14.97 22.28
N SER B 90 -4.06 -14.15 23.14
CA SER B 90 -3.52 -14.65 24.40
C SER B 90 -4.70 -15.12 25.24
N GLU B 91 -4.92 -16.43 25.32
CA GLU B 91 -6.06 -16.96 26.06
C GLU B 91 -5.84 -16.80 27.56
N PRO B 92 -6.74 -16.14 28.28
CA PRO B 92 -6.56 -16.00 29.73
C PRO B 92 -6.97 -17.25 30.48
N GLY B 93 -6.97 -17.18 31.82
CA GLY B 93 -7.45 -18.28 32.64
C GLY B 93 -6.62 -19.53 32.60
N LEU B 94 -5.45 -19.50 32.01
CA LEU B 94 -4.62 -20.69 31.87
C LEU B 94 -3.75 -20.88 33.11
N LEU B 95 -3.10 -22.04 33.17
CA LEU B 95 -2.21 -22.37 34.28
C LEU B 95 -0.92 -21.54 34.24
N PHE B 96 -0.51 -21.10 33.05
CA PHE B 96 0.62 -20.21 32.87
C PHE B 96 0.16 -19.06 31.98
N SER B 97 0.57 -17.84 32.32
CA SER B 97 -0.02 -16.65 31.72
C SER B 97 0.26 -16.51 30.23
N THR B 98 1.49 -16.17 29.86
CA THR B 98 1.81 -15.84 28.47
C THR B 98 0.91 -14.69 28.01
N GLY B 99 1.21 -13.47 28.44
CA GLY B 99 0.22 -12.43 28.24
C GLY B 99 0.23 -11.72 26.92
N LEU B 100 1.13 -12.07 26.01
CA LEU B 100 1.14 -11.54 24.66
C LEU B 100 0.49 -12.52 23.71
N ASP B 101 -0.24 -12.01 22.72
CA ASP B 101 -0.76 -12.84 21.65
C ASP B 101 0.31 -13.02 20.57
N LYS B 102 0.28 -14.18 19.91
CA LYS B 102 1.24 -14.55 18.89
C LYS B 102 0.52 -14.89 17.59
N MET B 103 1.13 -14.50 16.46
CA MET B 103 0.61 -14.83 15.13
C MET B 103 1.74 -15.34 14.25
N GLU B 104 1.37 -16.19 13.29
CA GLU B 104 2.32 -16.80 12.36
C GLU B 104 1.73 -16.92 10.97
N GLY B 105 2.61 -16.81 9.97
CA GLY B 105 2.20 -16.87 8.57
C GLY B 105 3.31 -17.37 7.66
N VAL B 106 3.09 -17.28 6.35
CA VAL B 106 4.07 -17.72 5.37
C VAL B 106 4.21 -16.65 4.30
N LEU B 107 5.46 -16.36 3.93
CA LEU B 107 5.78 -15.39 2.89
C LEU B 107 5.98 -16.08 1.56
N ILE B 108 5.42 -15.49 0.51
CA ILE B 108 5.55 -16.00 -0.86
C ILE B 108 6.24 -14.95 -1.72
N PRO B 109 6.93 -15.34 -2.80
CA PRO B 109 7.57 -14.35 -3.68
C PRO B 109 6.64 -13.82 -4.76
N ALA B 110 6.92 -12.58 -5.17
CA ALA B 110 6.16 -11.95 -6.24
C ALA B 110 7.01 -10.91 -6.94
N GLY B 111 6.57 -10.55 -8.15
CA GLY B 111 7.29 -9.61 -8.96
C GLY B 111 8.08 -10.28 -10.07
N PHE B 112 9.08 -9.54 -10.54
CA PHE B 112 9.81 -9.98 -11.71
C PHE B 112 11.23 -9.45 -11.68
N VAL B 113 12.07 -10.05 -12.52
CA VAL B 113 13.38 -9.51 -12.84
C VAL B 113 13.57 -9.65 -14.35
N LYS B 114 13.79 -8.53 -15.03
CA LYS B 114 13.94 -8.48 -16.47
C LYS B 114 15.39 -8.15 -16.81
N VAL B 115 15.96 -8.93 -17.73
CA VAL B 115 17.27 -8.68 -18.28
C VAL B 115 17.10 -8.26 -19.73
N THR B 116 17.79 -7.19 -20.11
CA THR B 116 17.65 -6.58 -21.42
C THR B 116 19.05 -6.44 -22.00
N ILE B 117 19.24 -6.94 -23.20
CA ILE B 117 20.49 -6.81 -23.94
C ILE B 117 20.27 -5.76 -25.03
N LEU B 118 21.11 -4.71 -24.99
CA LEU B 118 21.02 -3.53 -25.84
C LEU B 118 22.30 -3.33 -26.65
N GLU B 119 22.20 -2.49 -27.69
CA GLU B 119 23.36 -2.03 -28.44
C GLU B 119 23.77 -0.64 -27.97
N PRO B 120 25.01 -0.45 -27.52
CA PRO B 120 25.36 0.84 -26.89
C PRO B 120 25.16 2.07 -27.76
N MET B 121 25.63 2.06 -29.01
CA MET B 121 25.51 3.27 -29.83
C MET B 121 24.05 3.65 -30.05
N SER B 122 23.27 2.72 -30.59
CA SER B 122 21.87 3.03 -30.89
C SER B 122 21.03 3.08 -29.62
N GLY B 123 21.43 2.36 -28.59
CA GLY B 123 20.63 2.24 -27.39
C GLY B 123 19.39 1.40 -27.56
N GLU B 124 19.24 0.71 -28.67
CA GLU B 124 18.05 -0.08 -28.92
C GLU B 124 18.14 -1.47 -28.31
N SER B 125 16.99 -2.00 -27.94
CA SER B 125 16.92 -3.29 -27.25
C SER B 125 17.03 -4.43 -28.26
N LEU B 126 18.07 -5.23 -28.13
CA LEU B 126 18.22 -6.40 -29.00
C LEU B 126 17.47 -7.61 -28.48
N ASP B 127 17.32 -7.74 -27.16
CA ASP B 127 16.53 -8.85 -26.64
C ASP B 127 16.27 -8.61 -25.16
N SER B 128 15.35 -9.39 -24.60
CA SER B 128 15.09 -9.31 -23.17
C SER B 128 14.33 -10.54 -22.74
N PHE B 129 14.62 -11.01 -21.53
CA PHE B 129 13.85 -12.08 -20.92
C PHE B 129 13.49 -11.69 -19.48
N THR B 130 12.26 -12.01 -19.11
CA THR B 130 11.70 -11.71 -17.81
C THR B 130 11.50 -13.00 -17.02
N MET B 131 11.91 -12.99 -15.76
CA MET B 131 11.58 -14.06 -14.83
C MET B 131 10.50 -13.55 -13.89
N ASP B 132 9.34 -14.21 -13.89
CA ASP B 132 8.27 -13.90 -12.94
C ASP B 132 8.53 -14.62 -11.63
N LEU B 133 8.71 -13.87 -10.55
CA LEU B 133 9.11 -14.47 -9.28
C LEU B 133 7.97 -15.25 -8.63
N SER B 134 6.73 -14.86 -8.91
CA SER B 134 5.59 -15.58 -8.34
C SER B 134 5.60 -17.05 -8.71
N GLU B 135 6.15 -17.39 -9.87
CA GLU B 135 6.19 -18.79 -10.29
C GLU B 135 7.08 -19.64 -9.40
N LEU B 136 8.00 -19.02 -8.67
CA LEU B 136 8.94 -19.78 -7.85
C LEU B 136 8.23 -20.51 -6.73
N ASP B 137 8.76 -21.68 -6.37
CA ASP B 137 8.23 -22.46 -5.25
C ASP B 137 9.04 -22.07 -4.00
N ILE B 138 8.68 -20.93 -3.43
CA ILE B 138 9.32 -20.40 -2.24
C ILE B 138 8.24 -20.21 -1.18
N GLN B 139 8.43 -20.83 -0.02
CA GLN B 139 7.49 -20.79 1.08
C GLN B 139 8.29 -20.64 2.37
N GLU B 140 8.29 -19.46 2.95
CA GLU B 140 9.01 -19.21 4.19
C GLU B 140 8.05 -18.91 5.33
N LYS B 141 8.09 -19.74 6.37
CA LYS B 141 7.25 -19.58 7.54
C LYS B 141 7.85 -18.55 8.48
N PHE B 142 6.96 -17.81 9.14
CA PHE B 142 7.37 -16.80 10.11
C PHE B 142 6.35 -16.77 11.24
N LEU B 143 6.79 -16.28 12.41
CA LEU B 143 5.91 -16.14 13.56
C LEU B 143 6.31 -14.90 14.34
N LYS B 144 5.31 -14.10 14.75
CA LYS B 144 5.57 -12.92 15.55
C LYS B 144 4.67 -12.90 16.79
N THR B 145 5.18 -12.29 17.86
CA THR B 145 4.51 -12.26 19.15
C THR B 145 4.39 -10.80 19.61
N THR B 146 3.18 -10.37 19.93
CA THR B 146 2.96 -8.98 20.33
C THR B 146 3.63 -8.76 21.70
N THR B 162 9.80 -12.81 20.16
CA THR B 162 9.21 -11.74 19.38
C THR B 162 8.84 -12.21 17.98
N ASP B 163 9.63 -11.85 16.97
CA ASP B 163 9.33 -12.20 15.58
C ASP B 163 10.61 -12.44 14.78
N ASN B 164 10.56 -13.44 13.90
CA ASN B 164 11.70 -13.86 13.09
C ASN B 164 11.54 -13.53 11.61
N SER B 165 10.83 -12.44 11.30
CA SER B 165 10.56 -12.11 9.91
C SER B 165 11.84 -11.94 9.09
N ASN B 166 12.79 -11.12 9.56
CA ASN B 166 13.97 -10.86 8.76
C ASN B 166 14.72 -12.14 8.40
N ASP B 167 14.67 -13.17 9.25
CA ASP B 167 15.31 -14.42 8.90
C ASP B 167 14.56 -15.15 7.78
N ALA B 168 13.23 -15.17 7.86
CA ALA B 168 12.44 -15.73 6.77
C ALA B 168 12.66 -14.93 5.50
N ILE B 169 12.73 -13.60 5.62
CA ILE B 169 12.99 -12.75 4.46
C ILE B 169 14.36 -13.07 3.86
N LYS B 170 15.37 -13.25 4.71
CA LYS B 170 16.70 -13.59 4.20
C LYS B 170 16.66 -14.90 3.44
N SER B 171 16.00 -15.91 4.01
CA SER B 171 15.96 -17.22 3.34
C SER B 171 15.23 -17.11 2.02
N ALA B 172 14.12 -16.39 1.99
CA ALA B 172 13.38 -16.23 0.74
C ALA B 172 14.21 -15.49 -0.31
N LEU B 173 14.94 -14.47 0.12
CA LEU B 173 15.81 -13.76 -0.80
C LEU B 173 16.93 -14.65 -1.28
N ASN B 174 17.44 -15.52 -0.42
CA ASN B 174 18.44 -16.50 -0.84
C ASN B 174 17.89 -17.33 -1.99
N LYS B 175 16.69 -17.88 -1.79
CA LYS B 175 16.03 -18.71 -2.80
C LYS B 175 15.84 -17.95 -4.12
N ILE B 176 15.35 -16.72 -4.02
CA ILE B 176 15.10 -15.90 -5.20
C ILE B 176 16.40 -15.65 -5.95
N PHE B 177 17.42 -15.19 -5.22
CA PHE B 177 18.71 -14.90 -5.82
C PHE B 177 19.25 -16.13 -6.53
N ALA B 178 19.16 -17.29 -5.87
CA ALA B 178 19.69 -18.51 -6.47
C ALA B 178 19.00 -18.80 -7.80
N ASN B 179 17.66 -18.88 -7.79
CA ASN B 179 16.97 -19.24 -9.03
C ASN B 179 17.24 -18.21 -10.13
N ILE B 180 17.32 -16.94 -9.75
CA ILE B 180 17.51 -15.89 -10.76
C ILE B 180 18.90 -15.98 -11.37
N MET B 181 19.92 -16.20 -10.53
CA MET B 181 21.25 -16.40 -11.08
C MET B 181 21.29 -17.62 -11.97
N GLN B 182 20.52 -18.66 -11.63
CA GLN B 182 20.47 -19.85 -12.46
C GLN B 182 19.97 -19.51 -13.87
N GLU B 183 18.81 -18.87 -13.95
CA GLU B 183 18.28 -18.48 -15.26
C GLU B 183 19.23 -17.55 -16.01
N ILE B 184 19.79 -16.56 -15.31
CA ILE B 184 20.63 -15.58 -16.00
C ILE B 184 21.88 -16.24 -16.55
N ASP B 185 22.51 -17.12 -15.77
CA ASP B 185 23.68 -17.82 -16.27
C ASP B 185 23.33 -18.73 -17.44
N LYS B 186 22.12 -19.29 -17.42
CA LYS B 186 21.66 -20.05 -18.57
C LYS B 186 21.65 -19.16 -19.81
N LYS B 187 21.13 -17.94 -19.69
CA LYS B 187 20.90 -17.15 -20.90
C LYS B 187 22.17 -16.48 -21.43
N LEU B 188 23.02 -15.95 -20.56
CA LEU B 188 24.14 -15.12 -21.02
C LEU B 188 25.36 -15.99 -21.35
N THR B 189 25.26 -16.68 -22.49
CA THR B 189 26.34 -17.48 -23.03
C THR B 189 26.95 -16.76 -24.24
N GLN B 190 28.28 -16.78 -24.33
CA GLN B 190 28.94 -16.11 -25.46
C GLN B 190 28.34 -16.56 -26.79
N LYS B 191 27.88 -17.81 -26.88
CA LYS B 191 27.17 -18.23 -28.09
C LYS B 191 26.03 -17.26 -28.36
N ASN B 192 25.13 -17.10 -27.38
CA ASN B 192 24.02 -16.18 -27.55
C ASN B 192 24.50 -14.76 -27.75
N LEU B 193 25.53 -14.35 -27.01
CA LEU B 193 25.93 -12.94 -27.05
C LEU B 193 26.50 -12.57 -28.42
N GLU B 194 27.38 -13.41 -28.96
CA GLU B 194 27.89 -13.20 -30.31
C GLU B 194 26.86 -13.51 -31.37
N SER B 195 25.78 -14.21 -31.02
CA SER B 195 24.67 -14.39 -31.96
C SER B 195 23.94 -13.09 -32.26
N TYR B 196 24.29 -11.99 -31.59
CA TYR B 196 23.76 -10.68 -31.89
C TYR B 196 24.67 -9.88 -32.81
N GLN B 197 25.83 -10.42 -33.15
CA GLN B 197 26.90 -9.61 -33.74
C GLN B 197 26.47 -8.97 -35.06
N LYS B 198 25.67 -9.66 -35.86
CA LYS B 198 25.23 -9.07 -37.12
C LYS B 198 24.41 -7.82 -36.87
N ASP B 199 23.30 -7.97 -36.13
CA ASP B 199 22.44 -6.84 -35.83
C ASP B 199 23.20 -5.72 -35.12
N ALA B 200 24.19 -6.10 -34.30
CA ALA B 200 24.97 -5.10 -33.58
C ALA B 200 25.80 -4.26 -34.55
N LYS B 201 26.61 -4.91 -35.39
CA LYS B 201 27.37 -4.17 -36.39
C LYS B 201 26.43 -3.35 -37.26
N GLU B 202 25.22 -3.87 -37.53
CA GLU B 202 24.30 -3.18 -38.42
C GLU B 202 23.84 -1.87 -37.81
N LEU B 203 23.45 -1.90 -36.54
CA LEU B 203 22.95 -0.69 -35.90
C LEU B 203 24.06 0.28 -35.54
N LYS B 204 25.28 -0.22 -35.29
CA LYS B 204 26.33 0.62 -34.76
C LYS B 204 26.57 1.85 -35.64
N GLY B 205 26.67 1.65 -36.95
CA GLY B 205 26.84 2.77 -37.86
C GLY B 205 28.11 2.72 -38.70
N LYS B 206 28.59 1.50 -38.98
CA LYS B 206 29.73 1.32 -39.88
C LYS B 206 29.89 -0.14 -40.28
N ALA C 2 9.18 14.50 -9.90
CA ALA C 2 8.50 13.60 -8.96
C ALA C 2 8.92 13.93 -7.54
N LEU C 3 9.01 15.22 -7.23
CA LEU C 3 9.61 15.70 -5.98
C LEU C 3 8.56 16.39 -5.12
N ASP C 4 8.11 15.66 -4.09
CA ASP C 4 6.96 16.05 -3.28
C ASP C 4 5.81 16.45 -4.18
N GLU C 5 5.12 15.45 -4.71
CA GLU C 5 3.90 15.65 -5.48
C GLU C 5 2.74 15.89 -4.53
N LYS C 6 1.80 16.71 -4.95
CA LYS C 6 0.69 17.08 -4.10
C LYS C 6 -0.47 16.10 -4.24
N ILE C 7 -1.14 15.83 -3.13
CA ILE C 7 -2.32 14.98 -3.09
C ILE C 7 -3.50 15.82 -2.61
N LEU C 8 -4.61 15.72 -3.32
CA LEU C 8 -5.85 16.43 -2.96
C LEU C 8 -6.67 15.54 -2.06
N LEU C 9 -6.78 15.92 -0.79
CA LEU C 9 -7.56 15.21 0.20
C LEU C 9 -8.92 15.88 0.30
N LEU C 10 -9.96 15.13 -0.05
CA LEU C 10 -11.31 15.65 0.01
C LEU C 10 -11.85 15.47 1.42
N ARG C 11 -12.91 16.21 1.72
CA ARG C 11 -13.57 16.03 2.99
C ARG C 11 -14.25 14.66 3.04
N PRO C 12 -14.25 14.00 4.20
CA PRO C 12 -15.08 12.80 4.32
C PRO C 12 -16.55 13.15 4.20
N ALA C 13 -17.28 12.33 3.46
CA ALA C 13 -18.73 12.43 3.34
C ALA C 13 -19.31 11.28 4.16
N PHE C 14 -19.60 11.55 5.42
CA PHE C 14 -20.06 10.53 6.34
C PHE C 14 -21.51 10.78 6.74
N GLN C 15 -22.33 9.75 6.63
CA GLN C 15 -23.69 9.74 7.15
C GLN C 15 -23.72 8.78 8.32
N TYR C 16 -24.58 9.04 9.29
CA TYR C 16 -24.62 8.22 10.48
C TYR C 16 -26.05 7.77 10.80
N SER C 17 -26.14 6.84 11.73
CA SER C 17 -27.42 6.50 12.34
C SER C 17 -27.84 7.62 13.29
N ASP C 18 -29.15 7.70 13.54
CA ASP C 18 -29.71 8.84 14.25
C ASP C 18 -29.23 8.94 15.70
N ASN C 19 -28.75 7.83 16.27
CA ASN C 19 -28.34 7.79 17.67
C ASN C 19 -26.97 8.39 17.95
N ILE C 20 -26.26 8.85 16.94
CA ILE C 20 -24.92 9.40 17.12
C ILE C 20 -25.04 10.92 17.14
N ALA C 21 -24.59 11.52 18.24
CA ALA C 21 -24.65 12.96 18.42
C ALA C 21 -23.91 13.70 17.31
N LYS C 22 -24.36 14.92 17.02
CA LYS C 22 -23.67 15.77 16.04
C LYS C 22 -22.21 15.98 16.40
N GLU C 23 -21.91 16.29 17.66
CA GLU C 23 -20.51 16.48 18.04
C GLU C 23 -19.67 15.24 17.75
N TYR C 24 -20.21 14.04 18.03
CA TYR C 24 -19.42 12.84 17.77
C TYR C 24 -19.18 12.66 16.27
N GLU C 25 -20.22 12.86 15.46
CA GLU C 25 -20.05 12.80 14.01
C GLU C 25 -18.97 13.77 13.56
N ASN C 26 -19.01 15.00 14.08
CA ASN C 26 -18.07 16.02 13.67
C ASN C 26 -16.65 15.64 14.07
N LYS C 27 -16.46 15.17 15.30
CA LYS C 27 -15.12 14.78 15.72
C LYS C 27 -14.61 13.62 14.88
N PHE C 28 -15.47 12.66 14.57
CA PHE C 28 -15.07 11.57 13.70
C PHE C 28 -14.60 12.09 12.36
N LYS C 29 -15.39 12.96 11.74
CA LYS C 29 -15.01 13.56 10.46
C LYS C 29 -13.66 14.27 10.57
N ASN C 30 -13.51 15.14 11.56
CA ASN C 30 -12.31 15.98 11.66
C ASN C 30 -11.06 15.15 11.91
N GLN C 31 -11.15 14.19 12.83
CA GLN C 31 -9.99 13.36 13.14
C GLN C 31 -9.66 12.44 11.97
N THR C 32 -10.67 11.93 11.26
CA THR C 32 -10.39 11.20 10.03
C THR C 32 -9.58 12.06 9.07
N ALA C 33 -10.05 13.27 8.81
CA ALA C 33 -9.33 14.12 7.86
C ALA C 33 -7.89 14.33 8.31
N LEU C 34 -7.68 14.63 9.59
CA LEU C 34 -6.34 14.98 10.06
C LEU C 34 -5.41 13.77 10.06
N LYS C 35 -5.89 12.62 10.52
CA LYS C 35 -5.00 11.45 10.56
C LYS C 35 -4.77 10.89 9.16
N VAL C 36 -5.70 11.07 8.23
CA VAL C 36 -5.40 10.71 6.85
C VAL C 36 -4.34 11.64 6.29
N GLU C 37 -4.45 12.94 6.58
CA GLU C 37 -3.38 13.85 6.22
C GLU C 37 -2.05 13.37 6.79
N GLN C 38 -2.06 12.95 8.05
CA GLN C 38 -0.84 12.46 8.69
C GLN C 38 -0.28 11.24 7.97
N ILE C 39 -1.16 10.29 7.60
CA ILE C 39 -0.71 9.11 6.88
C ILE C 39 0.00 9.54 5.60
N LEU C 40 -0.63 10.44 4.84
CA LEU C 40 -0.02 10.87 3.58
C LEU C 40 1.29 11.60 3.82
N GLN C 41 1.36 12.39 4.87
CA GLN C 41 2.61 13.08 5.19
C GLN C 41 3.69 12.07 5.54
N ASN C 42 3.31 10.98 6.20
CA ASN C 42 4.26 9.94 6.58
C ASN C 42 4.76 9.16 5.37
N GLN C 43 3.94 9.03 4.33
CA GLN C 43 4.40 8.45 3.07
C GLN C 43 5.18 9.43 2.19
N GLY C 44 5.41 10.66 2.67
CA GLY C 44 6.29 11.62 2.00
C GLY C 44 5.66 12.64 1.09
N TYR C 45 4.33 12.68 0.99
CA TYR C 45 3.64 13.60 0.09
C TYR C 45 3.16 14.87 0.80
N LYS C 46 3.15 15.99 0.07
CA LYS C 46 2.42 17.17 0.52
C LYS C 46 0.92 17.00 0.30
N VAL C 47 0.13 17.52 1.23
CA VAL C 47 -1.31 17.29 1.26
C VAL C 47 -2.03 18.62 1.18
N ILE C 48 -2.96 18.73 0.23
CA ILE C 48 -3.85 19.88 0.10
C ILE C 48 -5.24 19.44 0.53
N SER C 49 -5.75 20.05 1.60
CA SER C 49 -7.11 19.79 2.04
C SER C 49 -8.09 20.61 1.20
N VAL C 50 -9.06 19.94 0.62
CA VAL C 50 -10.05 20.58 -0.23
C VAL C 50 -11.31 20.85 0.59
N ASP C 51 -12.11 21.82 0.13
CA ASP C 51 -13.26 22.32 0.86
C ASP C 51 -14.52 21.50 0.63
N SER C 52 -14.47 20.44 -0.16
CA SER C 52 -15.67 19.71 -0.55
C SER C 52 -15.42 18.21 -0.41
N SER C 53 -16.47 17.44 -0.66
CA SER C 53 -16.37 15.98 -0.69
C SER C 53 -16.60 15.45 -2.10
N ASP C 54 -16.89 16.32 -3.07
CA ASP C 54 -17.14 15.91 -4.44
C ASP C 54 -15.92 16.23 -5.30
N LYS C 55 -15.44 15.23 -6.05
CA LYS C 55 -14.27 15.41 -6.89
C LYS C 55 -14.45 16.53 -7.92
N ASP C 56 -15.69 16.85 -8.29
CA ASP C 56 -15.94 17.89 -9.29
C ASP C 56 -15.72 19.30 -8.75
N ASP C 57 -15.79 19.49 -7.42
CA ASP C 57 -15.65 20.82 -6.83
C ASP C 57 -14.20 21.28 -6.72
N LEU C 58 -13.29 20.63 -7.42
CA LEU C 58 -11.89 21.04 -7.42
C LEU C 58 -11.71 22.26 -8.32
N SER C 59 -11.02 23.28 -7.81
CA SER C 59 -10.67 24.39 -8.69
C SER C 59 -9.63 23.90 -9.69
N PHE C 60 -9.56 24.58 -10.84
CA PHE C 60 -8.60 24.14 -11.84
C PHE C 60 -7.17 24.18 -11.33
N SER C 61 -6.81 25.22 -10.58
CA SER C 61 -5.50 25.23 -9.94
C SER C 61 -5.25 23.88 -9.28
N GLN C 62 -6.24 23.39 -8.51
CA GLN C 62 -6.08 22.14 -7.79
C GLN C 62 -6.03 20.94 -8.73
N LYS C 63 -6.92 20.91 -9.73
CA LYS C 63 -6.86 19.82 -10.70
C LYS C 63 -5.50 19.73 -11.38
N LYS C 64 -4.84 20.86 -11.59
CA LYS C 64 -3.55 20.86 -12.26
C LYS C 64 -2.43 20.42 -11.31
N GLU C 65 -2.30 21.10 -10.17
CA GLU C 65 -1.19 20.82 -9.27
C GLU C 65 -1.24 19.42 -8.69
N GLY C 66 -2.41 18.78 -8.68
CA GLY C 66 -2.59 17.55 -7.93
C GLY C 66 -2.18 16.33 -8.74
N TYR C 67 -1.36 15.48 -8.13
CA TYR C 67 -1.06 14.18 -8.70
C TYR C 67 -2.26 13.24 -8.56
N LEU C 68 -2.72 13.03 -7.35
CA LEU C 68 -3.86 12.16 -7.10
C LEU C 68 -4.83 12.86 -6.17
N ALA C 69 -6.02 12.29 -6.04
CA ALA C 69 -7.02 12.77 -5.09
C ALA C 69 -7.57 11.61 -4.28
N VAL C 70 -7.77 11.84 -2.99
CA VAL C 70 -8.31 10.82 -2.09
C VAL C 70 -9.67 11.28 -1.59
N ALA C 71 -10.68 10.45 -1.81
CA ALA C 71 -12.04 10.73 -1.39
C ALA C 71 -12.54 9.64 -0.45
N MET C 72 -13.12 10.06 0.67
CA MET C 72 -13.71 9.12 1.62
C MET C 72 -15.20 9.39 1.75
N ASN C 73 -15.99 8.31 1.74
CA ASN C 73 -17.40 8.43 2.08
C ASN C 73 -17.78 7.23 2.91
N GLY C 74 -18.93 7.31 3.56
CA GLY C 74 -19.30 6.22 4.44
C GLY C 74 -20.66 6.43 5.05
N GLU C 75 -21.25 5.30 5.46
CA GLU C 75 -22.47 5.24 6.24
C GLU C 75 -22.09 4.44 7.49
N ILE C 76 -22.18 5.09 8.65
CA ILE C 76 -21.71 4.51 9.90
C ILE C 76 -22.92 4.35 10.81
N VAL C 77 -23.40 3.13 10.98
CA VAL C 77 -24.58 2.85 11.75
C VAL C 77 -24.16 2.04 12.97
N LEU C 78 -24.68 2.41 14.13
CA LEU C 78 -24.56 1.62 15.35
C LEU C 78 -25.97 1.32 15.85
N ARG C 79 -26.28 0.04 15.97
CA ARG C 79 -27.63 -0.38 16.36
C ARG C 79 -27.54 -1.51 17.38
N PRO C 80 -28.58 -1.68 18.19
CA PRO C 80 -28.57 -2.79 19.15
C PRO C 80 -28.80 -4.11 18.44
N ASP C 81 -28.03 -5.11 18.84
CA ASP C 81 -28.29 -6.48 18.42
C ASP C 81 -29.60 -6.96 19.00
N PRO C 82 -30.68 -7.08 18.21
CA PRO C 82 -31.99 -7.39 18.80
C PRO C 82 -32.06 -8.74 19.50
N LYS C 83 -31.08 -9.62 19.29
CA LYS C 83 -31.07 -10.89 19.99
C LYS C 83 -30.57 -10.79 21.43
N ARG C 84 -29.83 -9.73 21.75
CA ARG C 84 -29.10 -9.65 23.01
C ARG C 84 -29.59 -8.53 23.91
N THR C 85 -30.73 -7.92 23.58
CA THR C 85 -31.34 -6.89 24.39
C THR C 85 -32.35 -7.51 25.34
N ILE C 86 -32.09 -7.42 26.63
CA ILE C 86 -33.00 -7.90 27.66
C ILE C 86 -33.68 -6.69 28.30
N GLN C 87 -35.00 -6.75 28.43
CA GLN C 87 -35.77 -5.66 29.01
C GLN C 87 -36.46 -6.17 30.27
N LYS C 88 -35.99 -5.73 31.43
CA LYS C 88 -36.52 -6.23 32.70
C LYS C 88 -37.75 -5.44 33.11
N LYS C 89 -38.75 -6.16 33.61
CA LYS C 89 -39.96 -5.54 34.11
C LYS C 89 -39.86 -5.43 35.63
N SER C 90 -40.36 -4.32 36.19
CA SER C 90 -40.39 -4.16 37.63
C SER C 90 -41.45 -5.06 38.24
N GLU C 91 -41.09 -5.75 39.32
CA GLU C 91 -42.03 -6.63 40.01
C GLU C 91 -42.58 -5.94 41.25
N PRO C 92 -43.88 -5.66 41.31
CA PRO C 92 -44.42 -4.96 42.49
C PRO C 92 -44.30 -5.75 43.79
N GLY C 93 -44.35 -7.07 43.73
CA GLY C 93 -44.58 -7.86 44.92
C GLY C 93 -43.46 -7.73 45.94
N LEU C 94 -42.22 -7.89 45.50
CA LEU C 94 -41.14 -8.12 46.45
C LEU C 94 -40.77 -6.83 47.18
N LEU C 95 -39.83 -6.97 48.14
CA LEU C 95 -39.47 -5.84 48.97
C LEU C 95 -38.81 -4.73 48.17
N PHE C 96 -38.01 -5.09 47.17
CA PHE C 96 -37.37 -4.11 46.32
C PHE C 96 -38.03 -4.14 44.95
N SER C 97 -39.09 -3.35 44.81
CA SER C 97 -39.61 -2.97 43.50
C SER C 97 -38.79 -1.75 43.04
N THR C 98 -37.68 -2.02 42.36
CA THR C 98 -36.83 -0.96 41.84
C THR C 98 -37.70 0.15 41.28
N GLY C 99 -38.74 -0.25 40.54
CA GLY C 99 -39.73 0.67 40.03
C GLY C 99 -39.47 1.14 38.62
N LEU C 100 -38.21 1.17 38.19
CA LEU C 100 -37.89 1.58 36.84
C LEU C 100 -37.84 0.35 35.95
N ASP C 101 -38.32 0.50 34.72
CA ASP C 101 -38.14 -0.54 33.72
C ASP C 101 -36.72 -0.38 33.22
N LYS C 102 -35.92 -1.44 33.32
CA LYS C 102 -34.50 -1.40 33.02
C LYS C 102 -34.18 -2.42 31.96
N MET C 103 -33.31 -2.02 31.03
CA MET C 103 -32.86 -2.86 29.94
C MET C 103 -31.37 -2.76 29.72
N GLU C 104 -30.83 -3.81 29.12
CA GLU C 104 -29.42 -3.92 28.74
C GLU C 104 -29.38 -4.50 27.33
N GLY C 105 -28.41 -4.06 26.55
CA GLY C 105 -28.26 -4.58 25.19
C GLY C 105 -26.81 -4.42 24.76
N VAL C 106 -26.56 -4.81 23.52
CA VAL C 106 -25.23 -4.67 22.93
C VAL C 106 -25.43 -4.15 21.52
N LEU C 107 -24.72 -3.08 21.17
CA LEU C 107 -24.84 -2.52 19.84
C LEU C 107 -23.71 -3.02 18.95
N ILE C 108 -24.07 -3.34 17.70
CA ILE C 108 -23.15 -3.86 16.70
C ILE C 108 -23.01 -2.82 15.60
N PRO C 109 -21.91 -2.84 14.87
CA PRO C 109 -21.72 -1.89 13.77
C PRO C 109 -22.36 -2.36 12.48
N ALA C 110 -22.71 -1.38 11.63
CA ALA C 110 -23.28 -1.64 10.33
C ALA C 110 -22.91 -0.49 9.38
N GLY C 111 -23.02 -0.77 8.10
CA GLY C 111 -22.66 0.19 7.09
C GLY C 111 -21.31 -0.07 6.48
N PHE C 112 -20.74 0.99 5.91
CA PHE C 112 -19.52 0.86 5.12
C PHE C 112 -18.71 2.14 5.20
N VAL C 113 -17.44 2.03 4.81
CA VAL C 113 -16.58 3.18 4.57
C VAL C 113 -15.74 2.90 3.32
N LYS C 114 -15.90 3.74 2.30
CA LYS C 114 -15.19 3.57 1.04
C LYS C 114 -14.13 4.66 0.89
N VAL C 115 -12.92 4.24 0.55
CA VAL C 115 -11.81 5.14 0.23
C VAL C 115 -11.48 4.97 -1.24
N THR C 116 -11.33 6.10 -1.95
CA THR C 116 -11.14 6.09 -3.39
C THR C 116 -9.95 6.94 -3.77
N ILE C 117 -9.05 6.37 -4.57
CA ILE C 117 -7.93 7.08 -5.14
C ILE C 117 -8.27 7.39 -6.58
N LEU C 118 -8.27 8.68 -6.91
CA LEU C 118 -8.71 9.21 -8.18
C LEU C 118 -7.60 10.00 -8.86
N GLU C 119 -7.77 10.24 -10.16
CA GLU C 119 -6.97 11.22 -10.88
C GLU C 119 -7.78 12.51 -10.94
N PRO C 120 -7.26 13.63 -10.42
CA PRO C 120 -8.13 14.83 -10.27
C PRO C 120 -8.70 15.36 -11.57
N MET C 121 -7.88 15.45 -12.62
CA MET C 121 -8.33 16.06 -13.87
C MET C 121 -9.53 15.31 -14.44
N SER C 122 -9.36 14.01 -14.72
CA SER C 122 -10.45 13.24 -15.31
C SER C 122 -11.52 12.86 -14.28
N GLY C 123 -11.15 12.78 -13.01
CA GLY C 123 -12.07 12.29 -12.00
C GLY C 123 -12.33 10.80 -12.03
N GLU C 124 -11.57 10.05 -12.80
CA GLU C 124 -11.78 8.61 -12.92
C GLU C 124 -11.11 7.89 -11.75
N SER C 125 -11.70 6.77 -11.34
CA SER C 125 -11.22 6.04 -10.18
C SER C 125 -10.05 5.15 -10.57
N LEU C 126 -8.88 5.44 -9.99
CA LEU C 126 -7.70 4.61 -10.19
C LEU C 126 -7.69 3.43 -9.24
N ASP C 127 -8.35 3.57 -8.10
CA ASP C 127 -8.49 2.45 -7.18
C ASP C 127 -9.55 2.81 -6.14
N SER C 128 -10.05 1.78 -5.45
CA SER C 128 -10.97 2.02 -4.36
C SER C 128 -11.09 0.75 -3.52
N PHE C 129 -11.25 0.94 -2.21
CA PHE C 129 -11.57 -0.17 -1.33
C PHE C 129 -12.66 0.23 -0.35
N THR C 130 -13.60 -0.69 -0.15
CA THR C 130 -14.72 -0.51 0.78
C THR C 130 -14.51 -1.42 1.98
N MET C 131 -14.68 -0.87 3.18
CA MET C 131 -14.66 -1.65 4.41
C MET C 131 -16.08 -1.77 4.95
N ASP C 132 -16.56 -3.00 5.12
CA ASP C 132 -17.88 -3.25 5.70
C ASP C 132 -17.78 -3.19 7.23
N LEU C 133 -18.57 -2.29 7.83
CA LEU C 133 -18.45 -2.08 9.26
C LEU C 133 -19.01 -3.28 10.04
N SER C 134 -20.03 -3.94 9.49
CA SER C 134 -20.62 -5.09 10.17
C SER C 134 -19.59 -6.21 10.40
N GLU C 135 -18.59 -6.32 9.53
CA GLU C 135 -17.60 -7.36 9.69
C GLU C 135 -16.69 -7.17 10.90
N LEU C 136 -16.62 -5.96 11.45
CA LEU C 136 -15.60 -5.64 12.44
C LEU C 136 -15.69 -6.38 13.76
N ASP C 137 -16.82 -7.01 14.05
CA ASP C 137 -16.98 -7.70 15.34
C ASP C 137 -16.76 -6.68 16.46
N ILE C 138 -17.78 -5.86 16.69
CA ILE C 138 -17.79 -4.87 17.77
C ILE C 138 -19.02 -5.18 18.60
N GLN C 139 -18.82 -5.45 19.88
CA GLN C 139 -19.91 -5.80 20.80
C GLN C 139 -19.65 -5.03 22.09
N GLU C 140 -20.37 -3.91 22.23
CA GLU C 140 -20.25 -3.02 23.38
C GLU C 140 -21.58 -3.00 24.12
N LYS C 141 -21.56 -3.36 25.40
CA LYS C 141 -22.78 -3.41 26.17
C LYS C 141 -23.20 -2.03 26.68
N PHE C 142 -24.51 -1.81 26.75
CA PHE C 142 -25.08 -0.62 27.35
C PHE C 142 -26.34 -1.04 28.10
N LEU C 143 -26.73 -0.25 29.08
CA LEU C 143 -27.96 -0.51 29.83
C LEU C 143 -28.60 0.81 30.23
N LYS C 144 -29.91 0.93 30.04
CA LYS C 144 -30.61 2.13 30.41
C LYS C 144 -31.83 1.81 31.27
N THR C 145 -32.18 2.79 32.11
CA THR C 145 -33.27 2.66 33.07
C THR C 145 -34.25 3.80 32.80
N THR C 146 -35.48 3.46 32.50
CA THR C 146 -36.51 4.42 32.14
C THR C 146 -37.69 4.26 33.08
N HIS C 147 -38.48 5.32 33.16
CA HIS C 147 -39.70 5.22 33.88
C HIS C 147 -40.67 5.13 32.73
N SER C 148 -41.44 4.05 32.66
CA SER C 148 -42.41 3.83 31.59
C SER C 148 -43.64 4.71 31.77
N SER C 149 -44.23 5.11 30.65
CA SER C 149 -45.39 5.99 30.68
C SER C 149 -46.71 5.25 30.84
N HIS C 150 -46.74 3.95 30.54
CA HIS C 150 -47.98 3.19 30.58
C HIS C 150 -48.08 2.31 31.82
N SER C 151 -47.19 2.48 32.80
CA SER C 151 -47.19 1.66 34.00
C SER C 151 -48.00 2.27 35.13
N GLY C 152 -48.65 3.41 34.90
CA GLY C 152 -49.37 4.11 35.93
C GLY C 152 -48.59 5.24 36.58
N GLY C 153 -47.28 5.28 36.40
CA GLY C 153 -46.48 6.30 37.02
C GLY C 153 -46.33 6.15 38.52
N LEU C 154 -46.28 4.91 39.01
CA LEU C 154 -46.26 4.69 40.45
C LEU C 154 -45.00 5.20 41.10
N VAL C 155 -43.88 5.22 40.35
CA VAL C 155 -42.59 5.61 40.92
C VAL C 155 -42.48 7.13 40.92
N SER C 156 -41.94 7.68 42.00
CA SER C 156 -41.73 9.11 42.07
C SER C 156 -40.77 9.56 40.97
N THR C 157 -41.01 10.76 40.44
CA THR C 157 -40.08 11.32 39.47
C THR C 157 -38.74 11.68 40.10
N MET C 158 -38.63 11.67 41.43
CA MET C 158 -37.36 11.96 42.08
C MET C 158 -36.30 10.91 41.79
N VAL C 159 -36.68 9.72 41.36
CA VAL C 159 -35.74 8.72 40.87
C VAL C 159 -35.50 8.99 39.40
N LYS C 160 -34.24 9.20 39.04
CA LYS C 160 -33.89 9.58 37.68
C LYS C 160 -33.52 8.37 36.85
N GLY C 161 -33.93 8.38 35.58
CA GLY C 161 -33.51 7.34 34.66
C GLY C 161 -32.13 7.62 34.11
N THR C 162 -31.40 6.55 33.83
CA THR C 162 -29.99 6.66 33.48
C THR C 162 -29.64 5.70 32.37
N ASP C 163 -28.83 6.17 31.41
CA ASP C 163 -28.40 5.36 30.28
C ASP C 163 -26.99 5.77 29.89
N ASN C 164 -26.16 4.77 29.60
CA ASN C 164 -24.77 4.96 29.22
C ASN C 164 -24.59 4.72 27.73
N SER C 165 -25.63 5.00 26.95
CA SER C 165 -25.56 4.75 25.52
C SER C 165 -24.38 5.50 24.91
N ASN C 166 -24.32 6.81 25.15
CA ASN C 166 -23.28 7.63 24.53
C ASN C 166 -21.88 7.13 24.86
N ASP C 167 -21.70 6.51 26.03
CA ASP C 167 -20.39 5.93 26.34
C ASP C 167 -20.11 4.69 25.50
N ALA C 168 -21.11 3.83 25.31
CA ALA C 168 -20.96 2.70 24.40
C ALA C 168 -20.73 3.20 22.97
N ILE C 169 -21.44 4.27 22.59
CA ILE C 169 -21.24 4.84 21.25
C ILE C 169 -19.80 5.32 21.11
N LYS C 170 -19.28 5.99 22.12
CA LYS C 170 -17.90 6.46 22.08
C LYS C 170 -16.94 5.28 21.93
N SER C 171 -17.15 4.23 22.71
CA SER C 171 -16.26 3.08 22.64
C SER C 171 -16.31 2.43 21.26
N ALA C 172 -17.50 2.28 20.70
CA ALA C 172 -17.63 1.68 19.38
C ALA C 172 -16.96 2.54 18.32
N LEU C 173 -17.11 3.86 18.41
CA LEU C 173 -16.43 4.72 17.45
C LEU C 173 -14.92 4.65 17.63
N ASN C 174 -14.44 4.52 18.87
CA ASN C 174 -13.04 4.19 19.10
C ASN C 174 -12.64 2.95 18.32
N LYS C 175 -13.44 1.90 18.49
CA LYS C 175 -13.17 0.64 17.81
C LYS C 175 -13.05 0.85 16.30
N ILE C 176 -14.02 1.57 15.76
CA ILE C 176 -14.15 1.79 14.32
C ILE C 176 -12.97 2.62 13.82
N PHE C 177 -12.75 3.78 14.43
CA PHE C 177 -11.69 4.66 13.97
C PHE C 177 -10.34 3.97 13.97
N ALA C 178 -10.03 3.21 15.02
CA ALA C 178 -8.75 2.52 15.05
C ALA C 178 -8.62 1.58 13.85
N ASN C 179 -9.61 0.67 13.71
CA ASN C 179 -9.49 -0.34 12.65
C ASN C 179 -9.41 0.31 11.26
N ILE C 180 -10.15 1.41 11.07
CA ILE C 180 -10.21 2.06 9.77
C ILE C 180 -8.89 2.73 9.45
N MET C 181 -8.31 3.46 10.41
CA MET C 181 -7.01 4.08 10.15
C MET C 181 -5.96 3.02 9.86
N GLN C 182 -6.07 1.85 10.49
CA GLN C 182 -5.13 0.77 10.20
C GLN C 182 -5.24 0.33 8.75
N GLU C 183 -6.46 0.02 8.29
CA GLU C 183 -6.64 -0.36 6.89
C GLU C 183 -6.14 0.74 5.95
N ILE C 184 -6.45 1.99 6.27
CA ILE C 184 -6.07 3.09 5.38
C ILE C 184 -4.56 3.18 5.26
N ASP C 185 -3.84 3.06 6.39
CA ASP C 185 -2.39 3.12 6.30
C ASP C 185 -1.83 1.92 5.53
N LYS C 186 -2.48 0.76 5.64
CA LYS C 186 -2.07 -0.37 4.80
C LYS C 186 -2.17 -0.01 3.32
N LYS C 187 -3.28 0.62 2.91
CA LYS C 187 -3.50 0.82 1.49
C LYS C 187 -2.73 2.03 0.97
N LEU C 188 -2.67 3.11 1.76
CA LEU C 188 -2.04 4.35 1.29
C LEU C 188 -0.54 4.35 1.60
N THR C 189 0.19 3.53 0.86
CA THR C 189 1.65 3.46 0.95
C THR C 189 2.26 4.11 -0.28
N GLN C 190 3.37 4.83 -0.08
CA GLN C 190 4.00 5.53 -1.20
C GLN C 190 4.25 4.59 -2.38
N LYS C 191 4.69 3.36 -2.12
CA LYS C 191 4.84 2.42 -3.23
C LYS C 191 3.50 2.21 -3.93
N ASN C 192 2.46 1.89 -3.16
CA ASN C 192 1.15 1.66 -3.75
C ASN C 192 0.66 2.88 -4.52
N LEU C 193 0.94 4.07 -4.00
CA LEU C 193 0.44 5.30 -4.62
C LEU C 193 1.19 5.60 -5.91
N GLU C 194 2.53 5.51 -5.88
CA GLU C 194 3.30 5.74 -7.10
C GLU C 194 3.13 4.62 -8.10
N SER C 195 2.62 3.47 -7.69
CA SER C 195 2.29 2.45 -8.66
C SER C 195 1.17 2.90 -9.59
N TYR C 196 0.55 4.04 -9.29
CA TYR C 196 -0.48 4.60 -10.15
C TYR C 196 0.06 5.64 -11.12
N GLN C 197 1.34 6.00 -11.00
CA GLN C 197 1.86 7.18 -11.68
C GLN C 197 1.69 7.06 -13.19
N LYS C 198 1.90 5.86 -13.72
CA LYS C 198 1.75 5.60 -15.15
C LYS C 198 0.31 5.88 -15.59
N ASP C 199 -0.64 5.17 -14.98
CA ASP C 199 -2.05 5.36 -15.32
C ASP C 199 -2.48 6.81 -15.12
N ALA C 200 -1.93 7.49 -14.11
CA ALA C 200 -2.31 8.87 -13.83
C ALA C 200 -1.84 9.82 -14.93
N LYS C 201 -0.55 9.76 -15.30
CA LYS C 201 -0.09 10.55 -16.42
C LYS C 201 -0.93 10.23 -17.66
N GLU C 202 -1.29 8.97 -17.84
CA GLU C 202 -2.13 8.60 -18.98
C GLU C 202 -3.45 9.33 -18.95
N LEU C 203 -4.12 9.36 -17.80
CA LEU C 203 -5.42 10.04 -17.73
C LEU C 203 -5.30 11.56 -17.78
N LYS C 204 -4.13 12.10 -17.45
CA LYS C 204 -3.87 13.51 -17.75
C LYS C 204 -3.76 13.71 -19.26
N GLY C 205 -3.07 12.79 -19.96
CA GLY C 205 -2.87 12.92 -21.40
C GLY C 205 -4.11 12.65 -22.20
N LYS C 206 -5.05 11.89 -21.55
CA LYS C 206 -6.38 11.48 -22.10
C LYS C 206 -6.44 10.98 -23.52
N ASP D 4 -3.92 -18.57 -16.87
CA ASP D 4 -4.36 -18.22 -18.22
C ASP D 4 -5.00 -16.84 -18.24
N GLU D 5 -6.23 -16.77 -17.77
CA GLU D 5 -7.04 -15.57 -17.75
C GLU D 5 -7.43 -15.25 -16.31
N LYS D 6 -7.51 -13.96 -15.99
CA LYS D 6 -7.84 -13.51 -14.64
C LYS D 6 -9.34 -13.29 -14.48
N ILE D 7 -9.85 -13.69 -13.32
CA ILE D 7 -11.24 -13.43 -12.95
C ILE D 7 -11.28 -12.54 -11.72
N LEU D 8 -12.09 -11.49 -11.79
CA LEU D 8 -12.24 -10.54 -10.71
C LEU D 8 -13.39 -11.01 -9.83
N LEU D 9 -13.07 -11.40 -8.59
CA LEU D 9 -14.08 -11.81 -7.62
C LEU D 9 -14.32 -10.66 -6.65
N LEU D 10 -15.52 -10.10 -6.67
CA LEU D 10 -15.84 -9.09 -5.68
C LEU D 10 -16.60 -9.72 -4.50
N ARG D 11 -16.76 -8.93 -3.43
CA ARG D 11 -17.27 -9.45 -2.19
C ARG D 11 -18.76 -9.79 -2.29
N PRO D 12 -19.20 -10.85 -1.65
CA PRO D 12 -20.65 -11.10 -1.55
C PRO D 12 -21.38 -9.92 -0.94
N ALA D 13 -22.56 -9.63 -1.47
CA ALA D 13 -23.50 -8.68 -0.88
C ALA D 13 -24.62 -9.51 -0.26
N PHE D 14 -24.45 -9.87 1.00
CA PHE D 14 -25.39 -10.73 1.70
C PHE D 14 -26.09 -9.97 2.81
N GLN D 15 -27.42 -10.07 2.83
CA GLN D 15 -28.24 -9.60 3.94
C GLN D 15 -28.89 -10.80 4.61
N TYR D 16 -29.08 -10.71 5.93
CA TYR D 16 -29.63 -11.80 6.70
C TYR D 16 -30.77 -11.32 7.58
N SER D 17 -31.45 -12.27 8.21
CA SER D 17 -32.39 -11.94 9.28
C SER D 17 -31.61 -11.57 10.55
N ASP D 18 -32.27 -10.80 11.41
CA ASP D 18 -31.61 -10.27 12.60
C ASP D 18 -31.20 -11.36 13.58
N ASN D 19 -31.85 -12.52 13.55
CA ASN D 19 -31.59 -13.60 14.49
C ASN D 19 -30.31 -14.38 14.19
N ILE D 20 -29.56 -14.02 13.16
CA ILE D 20 -28.34 -14.73 12.81
C ILE D 20 -27.17 -13.94 13.39
N ALA D 21 -26.41 -14.59 14.27
CA ALA D 21 -25.34 -13.89 14.98
C ALA D 21 -24.42 -13.21 13.99
N LYS D 22 -23.89 -12.06 14.40
CA LYS D 22 -22.92 -11.33 13.57
C LYS D 22 -21.75 -12.23 13.21
N GLU D 23 -21.24 -12.98 14.19
CA GLU D 23 -20.15 -13.92 13.97
C GLU D 23 -20.47 -14.91 12.85
N TYR D 24 -21.69 -15.44 12.88
CA TYR D 24 -22.10 -16.43 11.89
C TYR D 24 -22.22 -15.80 10.50
N GLU D 25 -22.84 -14.63 10.42
CA GLU D 25 -22.94 -13.92 9.14
C GLU D 25 -21.57 -13.74 8.51
N ASN D 26 -20.60 -13.25 9.30
CA ASN D 26 -19.27 -12.99 8.74
C ASN D 26 -18.60 -14.29 8.30
N LYS D 27 -18.72 -15.35 9.10
CA LYS D 27 -18.11 -16.60 8.71
C LYS D 27 -18.70 -17.11 7.40
N PHE D 28 -20.03 -16.97 7.26
CA PHE D 28 -20.68 -17.37 6.02
C PHE D 28 -20.14 -16.61 4.83
N LYS D 29 -20.12 -15.27 4.92
CA LYS D 29 -19.63 -14.49 3.79
C LYS D 29 -18.21 -14.91 3.41
N ASN D 30 -17.31 -14.96 4.41
CA ASN D 30 -15.91 -15.21 4.10
C ASN D 30 -15.71 -16.61 3.54
N GLN D 31 -16.39 -17.61 4.09
CA GLN D 31 -16.20 -18.97 3.58
C GLN D 31 -16.80 -19.10 2.18
N THR D 32 -17.90 -18.43 1.91
CA THR D 32 -18.43 -18.34 0.55
C THR D 32 -17.37 -17.80 -0.40
N ALA D 33 -16.77 -16.67 -0.04
CA ALA D 33 -15.77 -16.06 -0.90
C ALA D 33 -14.61 -17.02 -1.14
N LEU D 34 -14.12 -17.68 -0.09
CA LEU D 34 -12.95 -18.53 -0.26
C LEU D 34 -13.29 -19.77 -1.09
N LYS D 35 -14.47 -20.36 -0.89
CA LYS D 35 -14.88 -21.50 -1.69
C LYS D 35 -14.95 -21.12 -3.16
N VAL D 36 -15.52 -19.96 -3.46
CA VAL D 36 -15.61 -19.56 -4.86
C VAL D 36 -14.23 -19.31 -5.45
N GLU D 37 -13.35 -18.64 -4.68
CA GLU D 37 -11.99 -18.45 -5.15
C GLU D 37 -11.34 -19.78 -5.51
N GLN D 38 -11.45 -20.76 -4.62
CA GLN D 38 -10.81 -22.04 -4.87
C GLN D 38 -11.42 -22.75 -6.08
N ILE D 39 -12.75 -22.72 -6.20
CA ILE D 39 -13.40 -23.33 -7.37
C ILE D 39 -12.85 -22.73 -8.65
N LEU D 40 -12.81 -21.41 -8.74
CA LEU D 40 -12.32 -20.78 -9.95
C LEU D 40 -10.85 -21.16 -10.19
N GLN D 41 -10.07 -21.28 -9.12
CA GLN D 41 -8.68 -21.71 -9.29
C GLN D 41 -8.60 -23.14 -9.80
N ASN D 42 -9.51 -24.01 -9.35
CA ASN D 42 -9.51 -25.39 -9.82
C ASN D 42 -9.92 -25.50 -11.28
N GLN D 43 -10.78 -24.59 -11.75
CA GLN D 43 -11.10 -24.56 -13.16
C GLN D 43 -10.01 -23.92 -13.99
N GLY D 44 -8.89 -23.55 -13.37
CA GLY D 44 -7.73 -23.09 -14.09
C GLY D 44 -7.58 -21.59 -14.25
N TYR D 45 -8.45 -20.79 -13.66
CA TYR D 45 -8.35 -19.34 -13.78
C TYR D 45 -7.60 -18.79 -12.58
N LYS D 46 -6.77 -17.78 -12.83
CA LYS D 46 -6.17 -16.98 -11.77
C LYS D 46 -7.19 -15.97 -11.26
N VAL D 47 -7.17 -15.72 -9.95
CA VAL D 47 -8.23 -14.95 -9.30
C VAL D 47 -7.68 -13.71 -8.62
N ILE D 48 -8.29 -12.56 -8.93
CA ILE D 48 -8.03 -11.31 -8.24
C ILE D 48 -9.23 -10.99 -7.37
N SER D 49 -9.02 -10.93 -6.05
CA SER D 49 -10.08 -10.51 -5.13
C SER D 49 -10.13 -8.99 -5.07
N VAL D 50 -11.27 -8.40 -5.39
CA VAL D 50 -11.41 -6.96 -5.40
C VAL D 50 -12.08 -6.55 -4.10
N ASP D 51 -11.92 -5.28 -3.74
CA ASP D 51 -12.27 -4.79 -2.41
C ASP D 51 -13.67 -4.19 -2.33
N SER D 52 -14.61 -4.72 -3.11
CA SER D 52 -15.97 -4.19 -3.10
C SER D 52 -16.94 -5.29 -3.47
N SER D 53 -18.23 -4.95 -3.40
CA SER D 53 -19.30 -5.82 -3.87
C SER D 53 -20.07 -5.22 -5.04
N ASP D 54 -19.73 -3.99 -5.43
CA ASP D 54 -20.40 -3.27 -6.50
C ASP D 54 -19.54 -3.27 -7.74
N LYS D 55 -20.11 -3.70 -8.87
CA LYS D 55 -19.33 -3.77 -10.10
C LYS D 55 -18.73 -2.42 -10.47
N ASP D 56 -19.34 -1.33 -10.03
CA ASP D 56 -18.89 0.00 -10.43
C ASP D 56 -17.58 0.40 -9.75
N ASP D 57 -17.25 -0.20 -8.62
CA ASP D 57 -16.05 0.16 -7.87
C ASP D 57 -14.78 -0.48 -8.42
N LEU D 58 -14.81 -1.03 -9.64
CA LEU D 58 -13.63 -1.63 -10.22
C LEU D 58 -12.65 -0.55 -10.67
N SER D 59 -11.38 -0.73 -10.31
CA SER D 59 -10.36 0.20 -10.75
C SER D 59 -10.15 0.09 -12.25
N PHE D 60 -9.59 1.16 -12.81
CA PHE D 60 -9.23 1.16 -14.22
C PHE D 60 -8.29 0.00 -14.54
N SER D 61 -7.25 -0.17 -13.73
CA SER D 61 -6.37 -1.33 -13.87
C SER D 61 -7.17 -2.64 -13.92
N GLN D 62 -8.11 -2.81 -12.99
CA GLN D 62 -8.83 -4.07 -12.89
C GLN D 62 -9.76 -4.26 -14.07
N LYS D 63 -10.48 -3.22 -14.48
CA LYS D 63 -11.30 -3.36 -15.68
C LYS D 63 -10.44 -3.81 -16.86
N LYS D 64 -9.17 -3.39 -16.88
CA LYS D 64 -8.30 -3.72 -18.00
C LYS D 64 -7.78 -5.16 -17.90
N GLU D 65 -7.14 -5.50 -16.80
CA GLU D 65 -6.51 -6.80 -16.63
C GLU D 65 -7.54 -7.95 -16.59
N GLY D 66 -8.80 -7.66 -16.33
CA GLY D 66 -9.77 -8.70 -16.05
C GLY D 66 -10.41 -9.27 -17.29
N TYR D 67 -10.44 -10.61 -17.38
CA TYR D 67 -11.25 -11.27 -18.39
C TYR D 67 -12.73 -11.19 -18.02
N LEU D 68 -13.09 -11.76 -16.87
CA LEU D 68 -14.47 -11.77 -16.40
C LEU D 68 -14.53 -11.33 -14.94
N ALA D 69 -15.75 -11.07 -14.47
CA ALA D 69 -15.99 -10.75 -13.06
C ALA D 69 -17.18 -11.55 -12.56
N VAL D 70 -17.08 -12.04 -11.33
CA VAL D 70 -18.15 -12.79 -10.68
C VAL D 70 -18.63 -12.01 -9.47
N ALA D 71 -19.92 -11.73 -9.41
CA ALA D 71 -20.53 -11.01 -8.30
C ALA D 71 -21.60 -11.86 -7.65
N MET D 72 -21.57 -11.95 -6.33
CA MET D 72 -22.57 -12.68 -5.57
C MET D 72 -23.37 -11.71 -4.72
N ASN D 73 -24.68 -11.93 -4.65
CA ASN D 73 -25.53 -11.25 -3.69
C ASN D 73 -26.59 -12.23 -3.23
N GLY D 74 -27.25 -11.89 -2.12
CA GLY D 74 -28.21 -12.82 -1.56
C GLY D 74 -28.91 -12.24 -0.34
N GLU D 75 -30.09 -12.80 -0.09
CA GLU D 75 -30.84 -12.56 1.14
C GLU D 75 -31.09 -13.92 1.77
N ILE D 76 -30.56 -14.12 2.97
CA ILE D 76 -30.56 -15.41 3.64
C ILE D 76 -31.39 -15.27 4.91
N VAL D 77 -32.60 -15.82 4.90
CA VAL D 77 -33.53 -15.71 6.01
C VAL D 77 -33.73 -17.07 6.65
N LEU D 78 -33.69 -17.10 7.98
CA LEU D 78 -34.08 -18.27 8.76
C LEU D 78 -35.17 -17.83 9.72
N ARG D 79 -36.34 -18.43 9.61
CA ARG D 79 -37.47 -18.08 10.46
C ARG D 79 -38.22 -19.34 10.85
N PRO D 80 -38.99 -19.27 11.95
CA PRO D 80 -39.76 -20.45 12.35
C PRO D 80 -40.94 -20.64 11.42
N ASP D 81 -41.20 -21.90 11.10
CA ASP D 81 -42.44 -22.26 10.44
C ASP D 81 -43.60 -22.00 11.38
N PRO D 82 -44.46 -21.01 11.14
CA PRO D 82 -45.53 -20.69 12.10
C PRO D 82 -46.47 -21.84 12.35
N LYS D 83 -46.42 -22.90 11.53
CA LYS D 83 -47.31 -24.04 11.74
C LYS D 83 -46.77 -24.95 12.84
N ARG D 84 -45.59 -25.54 12.62
CA ARG D 84 -44.97 -26.60 13.43
C ARG D 84 -44.34 -26.12 14.74
N THR D 85 -44.70 -24.93 15.20
CA THR D 85 -44.21 -24.40 16.47
C THR D 85 -45.15 -24.84 17.59
N ILE D 86 -44.63 -25.63 18.53
CA ILE D 86 -45.39 -26.17 19.65
C ILE D 86 -44.98 -25.42 20.93
N GLN D 87 -45.98 -25.10 21.76
CA GLN D 87 -45.78 -24.39 23.02
C GLN D 87 -46.25 -25.30 24.17
N LYS D 88 -46.08 -24.85 25.41
CA LYS D 88 -46.66 -25.55 26.55
C LYS D 88 -46.57 -24.69 27.79
N LYS D 89 -47.42 -25.02 28.77
CA LYS D 89 -47.61 -24.26 30.00
C LYS D 89 -46.71 -24.75 31.13
N SER D 90 -46.46 -23.85 32.07
CA SER D 90 -45.71 -24.20 33.28
C SER D 90 -46.48 -25.21 34.13
N GLU D 91 -47.79 -25.03 34.24
CA GLU D 91 -48.63 -25.89 35.06
C GLU D 91 -48.91 -27.23 34.40
N GLY D 93 -47.86 -28.50 37.48
CA GLY D 93 -46.55 -28.59 38.09
C GLY D 93 -46.57 -29.04 39.53
N LEU D 94 -46.85 -28.10 40.42
CA LEU D 94 -47.02 -28.36 41.86
C LEU D 94 -45.71 -28.64 42.58
N LEU D 95 -45.05 -29.75 42.23
CA LEU D 95 -43.95 -30.24 43.06
C LEU D 95 -42.76 -29.30 43.07
N PHE D 96 -42.39 -28.77 41.90
CA PHE D 96 -41.21 -27.92 41.78
C PHE D 96 -41.53 -26.54 41.23
N SER D 97 -42.81 -26.23 40.97
CA SER D 97 -43.24 -24.86 40.74
C SER D 97 -42.71 -24.32 39.42
N THR D 98 -41.40 -24.09 39.34
CA THR D 98 -40.77 -23.56 38.13
C THR D 98 -40.33 -24.74 37.27
N GLY D 99 -41.06 -25.04 36.19
CA GLY D 99 -42.25 -24.31 35.81
C GLY D 99 -41.94 -23.13 34.91
N LEU D 100 -41.03 -23.33 33.96
CA LEU D 100 -40.66 -22.30 33.00
C LEU D 100 -41.49 -22.50 31.73
N ASP D 101 -41.88 -21.39 31.12
CA ASP D 101 -42.54 -21.43 29.81
C ASP D 101 -41.49 -21.60 28.72
N LYS D 102 -41.36 -22.82 28.22
CA LYS D 102 -40.41 -23.22 27.18
C LYS D 102 -41.16 -23.88 26.04
N MET D 103 -40.69 -23.61 24.82
CA MET D 103 -41.26 -24.14 23.59
C MET D 103 -40.20 -24.73 22.69
N GLU D 104 -40.65 -25.51 21.71
CA GLU D 104 -39.82 -26.19 20.73
C GLU D 104 -40.43 -25.93 19.35
N GLY D 105 -39.59 -25.77 18.35
CA GLY D 105 -40.08 -25.45 17.02
C GLY D 105 -39.08 -25.86 15.96
N VAL D 106 -39.41 -25.50 14.72
CA VAL D 106 -38.58 -25.81 13.56
C VAL D 106 -38.45 -24.57 12.68
N LEU D 107 -37.24 -24.37 12.16
CA LEU D 107 -36.90 -23.24 11.30
C LEU D 107 -37.00 -23.61 9.83
N ILE D 108 -37.43 -22.64 9.02
CA ILE D 108 -37.46 -22.84 7.58
C ILE D 108 -36.47 -21.91 6.89
N PRO D 109 -35.94 -22.28 5.74
CA PRO D 109 -35.11 -21.35 4.96
C PRO D 109 -35.97 -20.48 4.07
N ALA D 110 -35.49 -19.27 3.82
CA ALA D 110 -36.20 -18.37 2.93
C ALA D 110 -35.21 -17.40 2.31
N GLY D 111 -35.62 -16.81 1.20
CA GLY D 111 -34.78 -15.90 0.46
C GLY D 111 -34.15 -16.55 -0.74
N PHE D 112 -33.06 -15.95 -1.19
CA PHE D 112 -32.43 -16.34 -2.44
C PHE D 112 -30.94 -16.04 -2.39
N VAL D 113 -30.21 -16.63 -3.34
CA VAL D 113 -28.83 -16.26 -3.59
C VAL D 113 -28.63 -16.20 -5.10
N LYS D 114 -28.21 -15.03 -5.59
CA LYS D 114 -27.99 -14.79 -7.00
C LYS D 114 -26.50 -14.68 -7.27
N VAL D 115 -26.03 -15.44 -8.25
CA VAL D 115 -24.65 -15.35 -8.74
C VAL D 115 -24.73 -14.78 -10.15
N THR D 116 -23.87 -13.81 -10.45
CA THR D 116 -23.89 -13.10 -11.72
C THR D 116 -22.50 -13.05 -12.31
N ILE D 117 -22.38 -13.41 -13.58
CA ILE D 117 -21.13 -13.33 -14.34
C ILE D 117 -21.24 -12.13 -15.27
N LEU D 118 -20.30 -11.19 -15.13
CA LEU D 118 -20.28 -9.91 -15.83
C LEU D 118 -18.95 -9.73 -16.57
N GLU D 119 -18.96 -8.79 -17.51
CA GLU D 119 -17.73 -8.36 -18.21
C GLU D 119 -17.17 -7.10 -17.58
N PRO D 120 -15.89 -7.08 -17.21
CA PRO D 120 -15.38 -5.93 -16.42
C PRO D 120 -15.56 -4.58 -17.11
N MET D 121 -15.18 -4.47 -18.39
CA MET D 121 -15.25 -3.18 -19.07
C MET D 121 -16.69 -2.69 -19.19
N SER D 122 -17.55 -3.49 -19.84
CA SER D 122 -18.91 -3.05 -20.09
C SER D 122 -19.77 -3.11 -18.84
N GLY D 123 -19.45 -3.99 -17.90
CA GLY D 123 -20.31 -4.20 -16.75
C GLY D 123 -21.61 -4.90 -17.05
N GLU D 124 -21.78 -5.43 -18.26
CA GLU D 124 -23.03 -6.06 -18.63
C GLU D 124 -23.13 -7.49 -18.12
N SER D 125 -24.37 -7.90 -17.83
CA SER D 125 -24.60 -9.21 -17.26
C SER D 125 -24.54 -10.25 -18.38
N LEU D 126 -23.53 -11.11 -18.32
CA LEU D 126 -23.40 -12.21 -19.27
C LEU D 126 -24.19 -13.43 -18.83
N ASP D 127 -24.37 -13.61 -17.52
CA ASP D 127 -25.22 -14.70 -17.06
C ASP D 127 -25.51 -14.52 -15.58
N SER D 128 -26.50 -15.26 -15.09
CA SER D 128 -26.78 -15.26 -13.66
C SER D 128 -27.72 -16.41 -13.35
N PHE D 129 -27.54 -16.99 -12.16
CA PHE D 129 -28.48 -17.99 -11.66
C PHE D 129 -28.84 -17.69 -10.21
N THR D 130 -30.13 -17.85 -9.92
CA THR D 130 -30.68 -17.65 -8.60
C THR D 130 -31.09 -18.98 -8.01
N MET D 131 -30.67 -19.24 -6.78
CA MET D 131 -31.09 -20.40 -6.01
C MET D 131 -32.05 -19.88 -4.94
N ASP D 132 -33.29 -20.33 -4.99
CA ASP D 132 -34.29 -19.97 -3.99
C ASP D 132 -34.19 -20.94 -2.82
N LEU D 133 -33.95 -20.37 -1.63
CA LEU D 133 -33.62 -21.19 -0.47
C LEU D 133 -34.84 -21.89 0.09
N SER D 134 -36.03 -21.31 -0.08
CA SER D 134 -37.25 -21.93 0.44
C SER D 134 -37.49 -23.33 -0.14
N GLU D 135 -36.99 -23.59 -1.36
CA GLU D 135 -37.19 -24.90 -1.95
C GLU D 135 -36.44 -26.00 -1.20
N LEU D 136 -35.40 -25.64 -0.46
CA LEU D 136 -34.54 -26.61 0.19
C LEU D 136 -35.29 -27.36 1.28
N ASP D 137 -34.90 -28.62 1.50
CA ASP D 137 -35.47 -29.46 2.55
C ASP D 137 -34.57 -29.33 3.79
N ILE D 138 -34.77 -28.25 4.54
CA ILE D 138 -34.00 -27.96 5.73
C ILE D 138 -34.96 -27.85 6.92
N GLN D 139 -34.73 -28.67 7.94
CA GLN D 139 -35.56 -28.68 9.14
C GLN D 139 -34.65 -28.84 10.35
N GLU D 140 -34.37 -27.74 11.04
CA GLU D 140 -33.50 -27.76 12.22
C GLU D 140 -34.35 -27.48 13.45
N LYS D 141 -34.34 -28.44 14.39
CA LYS D 141 -35.17 -28.34 15.58
C LYS D 141 -34.52 -27.39 16.58
N PHE D 142 -35.35 -26.61 17.26
CA PHE D 142 -34.88 -25.70 18.29
C PHE D 142 -35.90 -25.61 19.41
N LEU D 143 -35.42 -25.27 20.60
CA LEU D 143 -36.27 -25.05 21.76
C LEU D 143 -35.58 -24.04 22.66
N LYS D 144 -36.34 -23.06 23.17
CA LYS D 144 -35.79 -22.09 24.11
C LYS D 144 -36.70 -21.97 25.34
N THR D 145 -36.10 -21.57 26.46
CA THR D 145 -36.79 -21.49 27.75
C THR D 145 -36.66 -20.10 28.36
N THR D 146 -37.70 -19.69 29.09
CA THR D 146 -37.67 -18.42 29.80
C THR D 146 -38.91 -18.15 30.65
N HIS D 147 -38.73 -17.99 31.96
CA HIS D 147 -39.69 -17.36 32.85
C HIS D 147 -39.12 -17.36 34.27
N SER D 148 -39.97 -17.56 35.28
CA SER D 148 -39.56 -17.53 36.68
C SER D 148 -38.85 -18.83 37.07
N THR D 162 -32.06 -22.23 28.63
CA THR D 162 -31.55 -23.40 27.92
C THR D 162 -32.15 -23.43 26.51
N ASP D 163 -31.35 -23.08 25.49
CA ASP D 163 -31.84 -23.05 24.11
C ASP D 163 -30.73 -23.42 23.13
N ASN D 164 -31.10 -24.19 22.11
CA ASN D 164 -30.17 -24.66 21.09
C ASN D 164 -30.41 -23.97 19.74
N SER D 165 -30.92 -22.74 19.76
CA SER D 165 -31.18 -22.04 18.51
C SER D 165 -29.90 -21.92 17.69
N ASN D 166 -28.83 -21.42 18.31
CA ASN D 166 -27.58 -21.23 17.57
C ASN D 166 -27.08 -22.54 16.99
N ASP D 167 -27.36 -23.67 17.65
CA ASP D 167 -26.99 -24.94 17.06
C ASP D 167 -27.85 -25.23 15.84
N ALA D 168 -29.15 -24.97 15.94
CA ALA D 168 -30.03 -25.12 14.78
C ALA D 168 -29.67 -24.13 13.68
N ILE D 169 -29.36 -22.89 14.04
CA ILE D 169 -28.97 -21.90 13.04
C ILE D 169 -27.68 -22.33 12.34
N LYS D 170 -26.69 -22.80 13.12
CA LYS D 170 -25.44 -23.28 12.54
C LYS D 170 -25.70 -24.44 11.58
N SER D 171 -26.51 -25.41 12.01
CA SER D 171 -26.79 -26.57 11.16
C SER D 171 -27.51 -26.15 9.89
N ALA D 172 -28.48 -25.24 10.00
CA ALA D 172 -29.20 -24.78 8.82
C ALA D 172 -28.29 -24.01 7.87
N LEU D 173 -27.39 -23.20 8.41
CA LEU D 173 -26.44 -22.50 7.54
C LEU D 173 -25.48 -23.49 6.91
N ASN D 174 -25.11 -24.56 7.63
CA ASN D 174 -24.31 -25.61 7.02
C ASN D 174 -25.02 -26.17 5.80
N LYS D 175 -26.30 -26.54 5.95
CA LYS D 175 -27.06 -27.08 4.82
C LYS D 175 -27.15 -26.06 3.69
N ILE D 176 -27.43 -24.80 4.01
CA ILE D 176 -27.56 -23.78 2.98
C ILE D 176 -26.26 -23.63 2.21
N PHE D 177 -25.16 -23.47 2.94
CA PHE D 177 -23.84 -23.36 2.32
C PHE D 177 -23.60 -24.55 1.42
N ALA D 178 -23.93 -25.75 1.90
CA ALA D 178 -23.71 -26.95 1.10
C ALA D 178 -24.46 -26.88 -0.23
N ASN D 179 -25.75 -26.61 -0.16
CA ASN D 179 -26.57 -26.55 -1.33
C ASN D 179 -26.17 -25.50 -2.32
N ILE D 180 -25.78 -24.37 -1.79
CA ILE D 180 -25.39 -23.23 -2.61
C ILE D 180 -24.05 -23.49 -3.29
N MET D 181 -23.07 -24.01 -2.53
CA MET D 181 -21.78 -24.38 -3.10
C MET D 181 -21.92 -25.50 -4.11
N GLN D 182 -22.86 -26.43 -3.90
CA GLN D 182 -23.09 -27.48 -4.88
C GLN D 182 -23.53 -26.88 -6.21
N GLU D 183 -24.58 -26.06 -6.18
CA GLU D 183 -25.07 -25.43 -7.40
C GLU D 183 -23.97 -24.60 -8.06
N ILE D 184 -23.22 -23.85 -7.26
CA ILE D 184 -22.21 -22.96 -7.82
C ILE D 184 -21.08 -23.75 -8.48
N ASP D 185 -20.63 -24.83 -7.85
CA ASP D 185 -19.61 -25.65 -8.46
C ASP D 185 -20.12 -26.31 -9.74
N LYS D 186 -21.40 -26.68 -9.79
CA LYS D 186 -22.00 -27.19 -11.01
C LYS D 186 -21.94 -26.15 -12.13
N LYS D 187 -22.30 -24.91 -11.83
CA LYS D 187 -22.41 -23.92 -12.90
C LYS D 187 -21.05 -23.33 -13.28
N LEU D 188 -20.16 -23.11 -12.32
CA LEU D 188 -18.90 -22.41 -12.58
C LEU D 188 -17.83 -23.42 -13.01
N THR D 189 -17.98 -23.87 -14.24
CA THR D 189 -17.06 -24.80 -14.88
C THR D 189 -16.24 -24.09 -15.96
N GLN D 190 -14.97 -24.48 -16.08
CA GLN D 190 -14.11 -23.93 -17.13
C GLN D 190 -14.83 -23.95 -18.47
N LYS D 191 -15.58 -25.02 -18.72
CA LYS D 191 -16.38 -25.11 -19.93
C LYS D 191 -17.30 -23.90 -20.06
N ASN D 192 -18.15 -23.68 -19.06
CA ASN D 192 -19.08 -22.56 -19.11
C ASN D 192 -18.36 -21.22 -19.15
N LEU D 193 -17.26 -21.09 -18.40
CA LEU D 193 -16.63 -19.78 -18.29
C LEU D 193 -15.96 -19.36 -19.58
N GLU D 194 -15.22 -20.27 -20.20
CA GLU D 194 -14.64 -19.96 -21.50
C GLU D 194 -15.66 -19.99 -22.63
N SER D 195 -16.84 -20.58 -22.42
CA SER D 195 -17.90 -20.49 -23.42
C SER D 195 -18.43 -19.07 -23.60
N TYR D 196 -17.98 -18.13 -22.79
CA TYR D 196 -18.36 -16.73 -22.97
C TYR D 196 -17.33 -15.93 -23.75
N GLN D 197 -16.19 -16.54 -24.11
CA GLN D 197 -15.04 -15.74 -24.52
C GLN D 197 -15.35 -14.86 -25.72
N LYS D 198 -16.17 -15.33 -26.65
CA LYS D 198 -16.52 -14.49 -27.79
C LYS D 198 -17.24 -13.23 -27.31
N ASP D 199 -18.35 -13.42 -26.57
CA ASP D 199 -19.08 -12.27 -26.05
C ASP D 199 -18.16 -11.36 -25.25
N ALA D 200 -17.18 -11.92 -24.55
CA ALA D 200 -16.21 -11.12 -23.82
C ALA D 200 -15.30 -10.37 -24.79
N LYS D 201 -14.67 -11.10 -25.72
CA LYS D 201 -13.91 -10.44 -26.78
C LYS D 201 -14.77 -9.41 -27.49
N GLU D 202 -16.07 -9.67 -27.61
CA GLU D 202 -16.94 -8.78 -28.38
C GLU D 202 -17.06 -7.43 -27.71
N LEU D 203 -17.44 -7.41 -26.43
CA LEU D 203 -17.60 -6.18 -25.69
C LEU D 203 -16.25 -5.68 -25.21
N LYS D 204 -15.49 -5.07 -26.12
CA LYS D 204 -14.18 -4.55 -25.72
C LYS D 204 -14.33 -3.47 -24.66
N GLY D 205 -15.13 -2.45 -24.94
CA GLY D 205 -15.38 -1.37 -23.99
C GLY D 205 -14.69 -0.07 -24.36
#